data_290D
# 
_entry.id   290D 
# 
_audit_conform.dict_name       mmcif_pdbx.dic 
_audit_conform.dict_version    5.389 
_audit_conform.dict_location   http://mmcif.pdb.org/dictionaries/ascii/mmcif_pdbx.dic 
# 
loop_
_database_2.database_id 
_database_2.database_code 
_database_2.pdbx_database_accession 
_database_2.pdbx_DOI 
PDB   290D         pdb_0000290d 10.2210/pdb290d/pdb 
RCSB  BDLS79       ?            ?                   
WWPDB D_1000177703 ?            ?                   
# 
loop_
_pdbx_audit_revision_history.ordinal 
_pdbx_audit_revision_history.data_content_type 
_pdbx_audit_revision_history.major_revision 
_pdbx_audit_revision_history.minor_revision 
_pdbx_audit_revision_history.revision_date 
1 'Structure model' 1 0 1996-11-12 
2 'Structure model' 1 1 2008-05-22 
3 'Structure model' 1 2 2011-07-13 
4 'Structure model' 1 3 2024-02-14 
5 'Structure model' 1 4 2024-04-03 
# 
_pdbx_audit_revision_details.ordinal             1 
_pdbx_audit_revision_details.revision_ordinal    1 
_pdbx_audit_revision_details.data_content_type   'Structure model' 
_pdbx_audit_revision_details.provider            repository 
_pdbx_audit_revision_details.type                'Initial release' 
_pdbx_audit_revision_details.description         ? 
_pdbx_audit_revision_details.details             ? 
# 
loop_
_pdbx_audit_revision_group.ordinal 
_pdbx_audit_revision_group.revision_ordinal 
_pdbx_audit_revision_group.data_content_type 
_pdbx_audit_revision_group.group 
1 2 'Structure model' 'Version format compliance' 
2 3 'Structure model' 'Version format compliance' 
3 4 'Structure model' 'Data collection'           
4 4 'Structure model' 'Database references'       
5 4 'Structure model' 'Derived calculations'      
6 5 'Structure model' 'Refinement description'    
# 
loop_
_pdbx_audit_revision_category.ordinal 
_pdbx_audit_revision_category.revision_ordinal 
_pdbx_audit_revision_category.data_content_type 
_pdbx_audit_revision_category.category 
1 4 'Structure model' chem_comp_atom                
2 4 'Structure model' chem_comp_bond                
3 4 'Structure model' database_2                    
4 4 'Structure model' struct_conn                   
5 5 'Structure model' pdbx_initial_refinement_model 
# 
loop_
_pdbx_audit_revision_item.ordinal 
_pdbx_audit_revision_item.revision_ordinal 
_pdbx_audit_revision_item.data_content_type 
_pdbx_audit_revision_item.item 
1 4 'Structure model' '_database_2.pdbx_DOI'                
2 4 'Structure model' '_database_2.pdbx_database_accession' 
3 4 'Structure model' '_struct_conn.pdbx_leaving_atom_flag' 
# 
_pdbx_database_status.status_code                     REL 
_pdbx_database_status.entry_id                        290D 
_pdbx_database_status.recvd_initial_deposition_date   1996-10-10 
_pdbx_database_status.deposit_site                    NDB 
_pdbx_database_status.process_site                    NDB 
_pdbx_database_status.SG_entry                        . 
_pdbx_database_status.pdb_format_compatible           Y 
_pdbx_database_status.status_code_mr                  ? 
_pdbx_database_status.status_code_sf                  ? 
_pdbx_database_status.status_code_cs                  ? 
_pdbx_database_status.status_code_nmr_data            ? 
_pdbx_database_status.methods_development_category    ? 
# 
loop_
_audit_author.name 
_audit_author.pdbx_ordinal 
'Portmann, S.'   1 
'Altmann, K.-H.' 2 
'Reynes, N.'     3 
'Egli, M.'       4 
# 
_citation.id                        primary 
_citation.title                     
;Crystal Structures of Oligodeoxyribonucleotides Containing 6'-alpha-Methyl and 6'-alpha-Hydroxy Carbocyclic Thymidines
;
_citation.journal_abbrev            J.Am.Chem.Soc. 
_citation.journal_volume            119 
_citation.page_first                2396 
_citation.page_last                 2403 
_citation.year                      1997 
_citation.journal_id_ASTM           JACSAT 
_citation.country                   US 
_citation.journal_id_ISSN           0002-7863 
_citation.journal_id_CSD            0004 
_citation.book_publisher            ? 
_citation.pdbx_database_id_PubMed   -1 
_citation.pdbx_database_id_DOI      ? 
# 
loop_
_citation_author.citation_id 
_citation_author.name 
_citation_author.ordinal 
_citation_author.identifier_ORCID 
primary 'Portmann, S.'   1 ? 
primary 'Altmann, K.-H.' 2 ? 
primary 'Reynes, N.'     3 ? 
primary 'Egli, M.'       4 ? 
# 
loop_
_entity.id 
_entity.type 
_entity.src_method 
_entity.pdbx_description 
_entity.formula_weight 
_entity.pdbx_number_of_molecules 
_entity.pdbx_ec 
_entity.pdbx_mutation 
_entity.pdbx_fragment 
_entity.details 
1 polymer syn 
;DNA (5'-D(*CP*GP*CP*GP*AP*AP*(T32)P*(T32)P*CP*GP*CP*G)-3')
;
3687.500 2  ? ? ? ? 
2 water   nat water                                                        18.015   65 ? ? ? ? 
# 
_entity_poly.entity_id                      1 
_entity_poly.type                           polydeoxyribonucleotide 
_entity_poly.nstd_linkage                   no 
_entity_poly.nstd_monomer                   yes 
_entity_poly.pdbx_seq_one_letter_code       '(DC)(DG)(DC)(DG)(DA)(DA)(T32)(T32)(DC)(DG)(DC)(DG)' 
_entity_poly.pdbx_seq_one_letter_code_can   CGCGAATTCGCG 
_entity_poly.pdbx_strand_id                 A,B 
_entity_poly.pdbx_target_identifier         ? 
# 
_pdbx_entity_nonpoly.entity_id   2 
_pdbx_entity_nonpoly.name        water 
_pdbx_entity_nonpoly.comp_id     HOH 
# 
loop_
_entity_poly_seq.entity_id 
_entity_poly_seq.num 
_entity_poly_seq.mon_id 
_entity_poly_seq.hetero 
1 1  DC  n 
1 2  DG  n 
1 3  DC  n 
1 4  DG  n 
1 5  DA  n 
1 6  DA  n 
1 7  T32 n 
1 8  T32 n 
1 9  DC  n 
1 10 DG  n 
1 11 DC  n 
1 12 DG  n 
# 
loop_
_chem_comp.id 
_chem_comp.type 
_chem_comp.mon_nstd_flag 
_chem_comp.name 
_chem_comp.pdbx_synonyms 
_chem_comp.formula 
_chem_comp.formula_weight 
DA  'DNA linking' y "2'-DEOXYADENOSINE-5'-MONOPHOSPHATE"                     ? 'C10 H14 N5 O6 P' 331.222 
DC  'DNA linking' y "2'-DEOXYCYTIDINE-5'-MONOPHOSPHATE"                      ? 'C9 H14 N3 O7 P'  307.197 
DG  'DNA linking' y "2'-DEOXYGUANOSINE-5'-MONOPHOSPHATE"                     ? 'C10 H14 N5 O7 P' 347.221 
HOH non-polymer   . WATER                                                    ? 'H2 O'            18.015  
T32 'DNA linking' n 
;6'-ALPHA-METHYL CARBOCYCLIC THYMIDINE 5'-MONOPHOSPHATE
;
? 'C12 H19 N2 O7 P' 334.262 
# 
loop_
_pdbx_poly_seq_scheme.asym_id 
_pdbx_poly_seq_scheme.entity_id 
_pdbx_poly_seq_scheme.seq_id 
_pdbx_poly_seq_scheme.mon_id 
_pdbx_poly_seq_scheme.ndb_seq_num 
_pdbx_poly_seq_scheme.pdb_seq_num 
_pdbx_poly_seq_scheme.auth_seq_num 
_pdbx_poly_seq_scheme.pdb_mon_id 
_pdbx_poly_seq_scheme.auth_mon_id 
_pdbx_poly_seq_scheme.pdb_strand_id 
_pdbx_poly_seq_scheme.pdb_ins_code 
_pdbx_poly_seq_scheme.hetero 
A 1 1  DC  1  1  1  DC  C  A . n 
A 1 2  DG  2  2  2  DG  G  A . n 
A 1 3  DC  3  3  3  DC  C  A . n 
A 1 4  DG  4  4  4  DG  G  A . n 
A 1 5  DA  5  5  5  DA  A  A . n 
A 1 6  DA  6  6  6  DA  A  A . n 
A 1 7  T32 7  7  7  T32 +T A . n 
A 1 8  T32 8  8  8  T32 +T A . n 
A 1 9  DC  9  9  9  DC  C  A . n 
A 1 10 DG  10 10 10 DG  G  A . n 
A 1 11 DC  11 11 11 DC  C  A . n 
A 1 12 DG  12 12 12 DG  G  A . n 
B 1 1  DC  1  13 13 DC  C  B . n 
B 1 2  DG  2  14 14 DG  G  B . n 
B 1 3  DC  3  15 15 DC  C  B . n 
B 1 4  DG  4  16 16 DG  G  B . n 
B 1 5  DA  5  17 17 DA  A  B . n 
B 1 6  DA  6  18 18 DA  A  B . n 
B 1 7  T32 7  19 19 T32 +T B . n 
B 1 8  T32 8  20 20 T32 +T B . n 
B 1 9  DC  9  21 21 DC  C  B . n 
B 1 10 DG  10 22 22 DG  G  B . n 
B 1 11 DC  11 23 23 DC  C  B . n 
B 1 12 DG  12 24 24 DG  G  B . n 
# 
loop_
_pdbx_nonpoly_scheme.asym_id 
_pdbx_nonpoly_scheme.entity_id 
_pdbx_nonpoly_scheme.mon_id 
_pdbx_nonpoly_scheme.ndb_seq_num 
_pdbx_nonpoly_scheme.pdb_seq_num 
_pdbx_nonpoly_scheme.auth_seq_num 
_pdbx_nonpoly_scheme.pdb_mon_id 
_pdbx_nonpoly_scheme.auth_mon_id 
_pdbx_nonpoly_scheme.pdb_strand_id 
_pdbx_nonpoly_scheme.pdb_ins_code 
C 2 HOH 1  26 26 HOH HOH A . 
C 2 HOH 2  27 27 HOH HOH A . 
C 2 HOH 3  28 28 HOH HOH A . 
C 2 HOH 4  30 30 HOH HOH A . 
C 2 HOH 5  31 31 HOH HOH A . 
C 2 HOH 6  32 32 HOH HOH A . 
C 2 HOH 7  33 33 HOH HOH A . 
C 2 HOH 8  34 34 HOH HOH A . 
C 2 HOH 9  36 36 HOH HOH A . 
C 2 HOH 10 38 38 HOH HOH A . 
C 2 HOH 11 41 41 HOH HOH A . 
C 2 HOH 12 42 42 HOH HOH A . 
C 2 HOH 13 43 43 HOH HOH A . 
C 2 HOH 14 44 44 HOH HOH A . 
C 2 HOH 15 46 46 HOH HOH A . 
C 2 HOH 16 50 50 HOH HOH A . 
C 2 HOH 17 51 51 HOH HOH A . 
C 2 HOH 18 54 54 HOH HOH A . 
C 2 HOH 19 55 55 HOH HOH A . 
C 2 HOH 20 57 57 HOH HOH A . 
C 2 HOH 21 60 60 HOH HOH A . 
C 2 HOH 22 61 61 HOH HOH A . 
C 2 HOH 23 62 62 HOH HOH A . 
C 2 HOH 24 63 63 HOH HOH A . 
C 2 HOH 25 64 64 HOH HOH A . 
C 2 HOH 26 68 68 HOH HOH A . 
C 2 HOH 27 69 69 HOH HOH A . 
C 2 HOH 28 70 70 HOH HOH A . 
C 2 HOH 29 73 73 HOH HOH A . 
C 2 HOH 30 74 74 HOH HOH A . 
C 2 HOH 31 78 78 HOH HOH A . 
C 2 HOH 32 81 81 HOH HOH A . 
C 2 HOH 33 82 82 HOH HOH A . 
C 2 HOH 34 83 83 HOH HOH A . 
C 2 HOH 35 84 84 HOH HOH A . 
C 2 HOH 36 86 86 HOH HOH A . 
C 2 HOH 37 87 87 HOH HOH A . 
D 2 HOH 1  25 25 HOH HOH B . 
D 2 HOH 2  29 29 HOH HOH B . 
D 2 HOH 3  35 35 HOH HOH B . 
D 2 HOH 4  37 37 HOH HOH B . 
D 2 HOH 5  39 39 HOH HOH B . 
D 2 HOH 6  40 40 HOH HOH B . 
D 2 HOH 7  45 45 HOH HOH B . 
D 2 HOH 8  47 47 HOH HOH B . 
D 2 HOH 9  48 48 HOH HOH B . 
D 2 HOH 10 49 49 HOH HOH B . 
D 2 HOH 11 52 52 HOH HOH B . 
D 2 HOH 12 53 53 HOH HOH B . 
D 2 HOH 13 56 56 HOH HOH B . 
D 2 HOH 14 58 58 HOH HOH B . 
D 2 HOH 15 59 59 HOH HOH B . 
D 2 HOH 16 65 65 HOH HOH B . 
D 2 HOH 17 66 66 HOH HOH B . 
D 2 HOH 18 67 67 HOH HOH B . 
D 2 HOH 19 71 71 HOH HOH B . 
D 2 HOH 20 72 72 HOH HOH B . 
D 2 HOH 21 75 75 HOH HOH B . 
D 2 HOH 22 76 76 HOH HOH B . 
D 2 HOH 23 77 77 HOH HOH B . 
D 2 HOH 24 79 79 HOH HOH B . 
D 2 HOH 25 80 80 HOH HOH B . 
D 2 HOH 26 85 85 HOH HOH B . 
D 2 HOH 27 88 88 HOH HOH B . 
D 2 HOH 28 89 89 HOH HOH B . 
# 
loop_
_software.name 
_software.classification 
_software.version 
_software.citation_id 
_software.pdbx_ordinal 
X-PLOR    refinement       . ? 1 
DENZO     'data reduction' . ? 2 
SCALEPACK 'data scaling'   . ? 3 
# 
_cell.entry_id           290D 
_cell.length_a           25.196 
_cell.length_b           40.798 
_cell.length_c           66.265 
_cell.angle_alpha        90.00 
_cell.angle_beta         90.00 
_cell.angle_gamma        90.00 
_cell.Z_PDB              8 
_cell.pdbx_unique_axis   ? 
# 
_symmetry.entry_id                         290D 
_symmetry.space_group_name_H-M             'P 21 21 21' 
_symmetry.pdbx_full_space_group_name_H-M   ? 
_symmetry.cell_setting                     ? 
_symmetry.Int_Tables_number                19 
# 
_exptl.entry_id          290D 
_exptl.method            'X-RAY DIFFRACTION' 
_exptl.crystals_number   ? 
# 
_exptl_crystal.id                    1 
_exptl_crystal.density_meas          ? 
_exptl_crystal.density_Matthews      2.31 
_exptl_crystal.density_percent_sol   46.73 
_exptl_crystal.description           ? 
# 
_exptl_crystal_grow.crystal_id      1 
_exptl_crystal_grow.method          'VAPOR DIFFUSION, SITTING DROP' 
_exptl_crystal_grow.temp            ? 
_exptl_crystal_grow.temp_details    ? 
_exptl_crystal_grow.pH              6.90 
_exptl_crystal_grow.pdbx_details    'pH 6.90, VAPOR DIFFUSION, SITTING DROP' 
_exptl_crystal_grow.pdbx_pH_range   ? 
# 
loop_
_exptl_crystal_grow_comp.crystal_id 
_exptl_crystal_grow_comp.id 
_exptl_crystal_grow_comp.sol_id 
_exptl_crystal_grow_comp.name 
_exptl_crystal_grow_comp.volume 
_exptl_crystal_grow_comp.conc 
_exptl_crystal_grow_comp.details 
1 1 1 WATER           ? ? ? 
1 2 1 'NA CACODYLATE' ? ? ? 
1 3 1 'MG ACETATE'    ? ? ? 
1 4 1 SPERMINE_HCL    ? ? ? 
1 5 2 WATER           ? ? ? 
1 6 2 MPD             ? ? ? 
# 
_diffrn.id                     1 
_diffrn.ambient_temp           ? 
_diffrn.ambient_temp_details   'ROOM TEMPERATURE' 
_diffrn.crystal_id             1 
# 
_diffrn_detector.diffrn_id              1 
_diffrn_detector.detector               'IMAGE PLATE' 
_diffrn_detector.type                   MARRESEARCH 
_diffrn_detector.pdbx_collection_date   1996-04-24 
_diffrn_detector.details                ? 
# 
_diffrn_radiation.diffrn_id                        1 
_diffrn_radiation.wavelength_id                    1 
_diffrn_radiation.pdbx_monochromatic_or_laue_m_l   M 
_diffrn_radiation.monochromator                    ? 
_diffrn_radiation.pdbx_diffrn_protocol             ? 
_diffrn_radiation.pdbx_scattering_type             x-ray 
# 
_diffrn_radiation_wavelength.id           1 
_diffrn_radiation_wavelength.wavelength   . 
_diffrn_radiation_wavelength.wt           1.0 
# 
_diffrn_source.diffrn_id                   1 
_diffrn_source.source                      'ROTATING ANODE' 
_diffrn_source.type                        ENRAF-NONIUS 
_diffrn_source.pdbx_synchrotron_site       ? 
_diffrn_source.pdbx_synchrotron_beamline   ? 
_diffrn_source.pdbx_wavelength             ? 
_diffrn_source.pdbx_wavelength_list        ? 
# 
_reflns.entry_id                     290D 
_reflns.observed_criterion_sigma_I   ? 
_reflns.observed_criterion_sigma_F   ? 
_reflns.d_resolution_low             ? 
_reflns.d_resolution_high            ? 
_reflns.number_obs                   ? 
_reflns.number_all                   ? 
_reflns.percent_possible_obs         ? 
_reflns.pdbx_Rmerge_I_obs            0.035 
_reflns.pdbx_Rsym_value              ? 
_reflns.pdbx_netI_over_sigmaI        ? 
_reflns.B_iso_Wilson_estimate        ? 
_reflns.pdbx_redundancy              ? 
_reflns.pdbx_diffrn_id               1 
_reflns.pdbx_ordinal                 1 
# 
_refine.entry_id                                 290D 
_refine.ls_number_reflns_obs                     2072 
_refine.ls_number_reflns_all                     ? 
_refine.pdbx_ls_sigma_I                          ? 
_refine.pdbx_ls_sigma_F                          2.000 
_refine.pdbx_data_cutoff_high_absF               ? 
_refine.pdbx_data_cutoff_low_absF                ? 
_refine.pdbx_data_cutoff_high_rms_absF           ? 
_refine.ls_d_res_low                             10.000 
_refine.ls_d_res_high                            2.500 
_refine.ls_percent_reflns_obs                    ? 
_refine.ls_R_factor_obs                          0.17 
_refine.ls_R_factor_all                          ? 
_refine.ls_R_factor_R_work                       0.17 
_refine.ls_R_factor_R_free                       0.292 
_refine.ls_R_factor_R_free_error                 ? 
_refine.ls_R_factor_R_free_error_details         ? 
_refine.ls_percent_reflns_R_free                 ? 
_refine.ls_number_reflns_R_free                  ? 
_refine.ls_number_parameters                     ? 
_refine.ls_number_restraints                     ? 
_refine.occupancy_min                            ? 
_refine.occupancy_max                            ? 
_refine.B_iso_mean                               ? 
_refine.aniso_B[1][1]                            ? 
_refine.aniso_B[2][2]                            ? 
_refine.aniso_B[3][3]                            ? 
_refine.aniso_B[1][2]                            ? 
_refine.aniso_B[1][3]                            ? 
_refine.aniso_B[2][3]                            ? 
_refine.solvent_model_details                    ? 
_refine.solvent_model_param_ksol                 ? 
_refine.solvent_model_param_bsol                 ? 
_refine.pdbx_ls_cross_valid_method               ? 
_refine.details                                  ? 
_refine.pdbx_starting_model                      BDL001 
_refine.pdbx_method_to_determine_struct          ? 
_refine.pdbx_isotropic_thermal_model             ? 
_refine.pdbx_stereochemistry_target_values       ? 
_refine.pdbx_stereochem_target_val_spec_case     ? 
_refine.pdbx_R_Free_selection_details            ? 
_refine.pdbx_overall_ESU_R                       ? 
_refine.pdbx_overall_ESU_R_Free                  ? 
_refine.overall_SU_ML                            ? 
_refine.overall_SU_B                             ? 
_refine.pdbx_refine_id                           'X-RAY DIFFRACTION' 
_refine.pdbx_diffrn_id                           1 
_refine.pdbx_TLS_residual_ADP_flag               ? 
_refine.correlation_coeff_Fo_to_Fc               ? 
_refine.correlation_coeff_Fo_to_Fc_free          ? 
_refine.pdbx_solvent_vdw_probe_radii             ? 
_refine.pdbx_solvent_ion_probe_radii             ? 
_refine.pdbx_solvent_shrinkage_radii             ? 
_refine.pdbx_overall_phase_error                 ? 
_refine.overall_SU_R_Cruickshank_DPI             ? 
_refine.pdbx_overall_SU_R_free_Cruickshank_DPI   ? 
_refine.pdbx_overall_SU_R_Blow_DPI               ? 
_refine.pdbx_overall_SU_R_free_Blow_DPI          ? 
# 
_refine_hist.pdbx_refine_id                   'X-RAY DIFFRACTION' 
_refine_hist.cycle_id                         LAST 
_refine_hist.pdbx_number_atoms_protein        0 
_refine_hist.pdbx_number_atoms_nucleic_acid   482 
_refine_hist.pdbx_number_atoms_ligand         8 
_refine_hist.number_atoms_solvent             65 
_refine_hist.number_atoms_total               555 
_refine_hist.d_res_high                       2.500 
_refine_hist.d_res_low                        10.000 
# 
loop_
_refine_ls_restr.type 
_refine_ls_restr.dev_ideal 
_refine_ls_restr.dev_ideal_target 
_refine_ls_restr.weight 
_refine_ls_restr.number 
_refine_ls_restr.pdbx_refine_id 
_refine_ls_restr.pdbx_restraint_function 
x_bond_d                0.018 ? ? ? 'X-RAY DIFFRACTION' ? 
x_bond_d_na             ?     ? ? ? 'X-RAY DIFFRACTION' ? 
x_bond_d_prot           ?     ? ? ? 'X-RAY DIFFRACTION' ? 
x_angle_d               ?     ? ? ? 'X-RAY DIFFRACTION' ? 
x_angle_d_na            ?     ? ? ? 'X-RAY DIFFRACTION' ? 
x_angle_d_prot          ?     ? ? ? 'X-RAY DIFFRACTION' ? 
x_angle_deg             3.70  ? ? ? 'X-RAY DIFFRACTION' ? 
x_angle_deg_na          ?     ? ? ? 'X-RAY DIFFRACTION' ? 
x_angle_deg_prot        ?     ? ? ? 'X-RAY DIFFRACTION' ? 
x_dihedral_angle_d      ?     ? ? ? 'X-RAY DIFFRACTION' ? 
x_dihedral_angle_d_na   ?     ? ? ? 'X-RAY DIFFRACTION' ? 
x_dihedral_angle_d_prot ?     ? ? ? 'X-RAY DIFFRACTION' ? 
x_improper_angle_d      ?     ? ? ? 'X-RAY DIFFRACTION' ? 
x_improper_angle_d_na   ?     ? ? ? 'X-RAY DIFFRACTION' ? 
x_improper_angle_d_prot ?     ? ? ? 'X-RAY DIFFRACTION' ? 
x_mcbond_it             ?     ? ? ? 'X-RAY DIFFRACTION' ? 
x_mcangle_it            ?     ? ? ? 'X-RAY DIFFRACTION' ? 
x_scbond_it             ?     ? ? ? 'X-RAY DIFFRACTION' ? 
x_scangle_it            ?     ? ? ? 'X-RAY DIFFRACTION' ? 
# 
_struct.entry_id                  290D 
_struct.title                     
;CRYSTAL STRUCTURES OF OLIGODEOXYRIBONUCLEOTIDES CONTAINING 6'-ALPHA-METHYL AND 6'-ALPHA-HYDROXY CARBOCYCLIC THYMIDINES
;
_struct.pdbx_model_details        ? 
_struct.pdbx_CASP_flag            ? 
_struct.pdbx_model_type_details   ? 
# 
_struct_keywords.entry_id        290D 
_struct_keywords.pdbx_keywords   DNA 
_struct_keywords.text            'B-DNA, DOUBLE HELIX, MODIFIED, CARBOCYCLUS, ANTISENSE, DNA' 
# 
loop_
_struct_asym.id 
_struct_asym.pdbx_blank_PDB_chainid_flag 
_struct_asym.pdbx_modified 
_struct_asym.entity_id 
_struct_asym.details 
A N N 1 ? 
B N N 1 ? 
C N N 2 ? 
D N N 2 ? 
# 
_struct_ref.id                         1 
_struct_ref.entity_id                  1 
_struct_ref.db_name                    PDB 
_struct_ref.db_code                    290D 
_struct_ref.pdbx_db_accession          290D 
_struct_ref.pdbx_db_isoform            ? 
_struct_ref.pdbx_seq_one_letter_code   ? 
_struct_ref.pdbx_align_begin           ? 
# 
loop_
_struct_ref_seq.align_id 
_struct_ref_seq.ref_id 
_struct_ref_seq.pdbx_PDB_id_code 
_struct_ref_seq.pdbx_strand_id 
_struct_ref_seq.seq_align_beg 
_struct_ref_seq.pdbx_seq_align_beg_ins_code 
_struct_ref_seq.seq_align_end 
_struct_ref_seq.pdbx_seq_align_end_ins_code 
_struct_ref_seq.pdbx_db_accession 
_struct_ref_seq.db_align_beg 
_struct_ref_seq.pdbx_db_align_beg_ins_code 
_struct_ref_seq.db_align_end 
_struct_ref_seq.pdbx_db_align_end_ins_code 
_struct_ref_seq.pdbx_auth_seq_align_beg 
_struct_ref_seq.pdbx_auth_seq_align_end 
1 1 290D A 1 ? 12 ? 290D 1  ? 12 ? 1  12 
2 1 290D B 1 ? 12 ? 290D 13 ? 24 ? 13 24 
# 
_pdbx_struct_assembly.id                   1 
_pdbx_struct_assembly.details              author_defined_assembly 
_pdbx_struct_assembly.method_details       ? 
_pdbx_struct_assembly.oligomeric_details   dimeric 
_pdbx_struct_assembly.oligomeric_count     2 
# 
_pdbx_struct_assembly_gen.assembly_id       1 
_pdbx_struct_assembly_gen.oper_expression   1 
_pdbx_struct_assembly_gen.asym_id_list      A,B,C,D 
# 
_pdbx_struct_oper_list.id                   1 
_pdbx_struct_oper_list.type                 'identity operation' 
_pdbx_struct_oper_list.name                 1_555 
_pdbx_struct_oper_list.symmetry_operation   x,y,z 
_pdbx_struct_oper_list.matrix[1][1]         1.0000000000 
_pdbx_struct_oper_list.matrix[1][2]         0.0000000000 
_pdbx_struct_oper_list.matrix[1][3]         0.0000000000 
_pdbx_struct_oper_list.vector[1]            0.0000000000 
_pdbx_struct_oper_list.matrix[2][1]         0.0000000000 
_pdbx_struct_oper_list.matrix[2][2]         1.0000000000 
_pdbx_struct_oper_list.matrix[2][3]         0.0000000000 
_pdbx_struct_oper_list.vector[2]            0.0000000000 
_pdbx_struct_oper_list.matrix[3][1]         0.0000000000 
_pdbx_struct_oper_list.matrix[3][2]         0.0000000000 
_pdbx_struct_oper_list.matrix[3][3]         1.0000000000 
_pdbx_struct_oper_list.vector[3]            0.0000000000 
# 
_struct_biol.id   1 
# 
loop_
_struct_conn.id 
_struct_conn.conn_type_id 
_struct_conn.pdbx_leaving_atom_flag 
_struct_conn.pdbx_PDB_id 
_struct_conn.ptnr1_label_asym_id 
_struct_conn.ptnr1_label_comp_id 
_struct_conn.ptnr1_label_seq_id 
_struct_conn.ptnr1_label_atom_id 
_struct_conn.pdbx_ptnr1_label_alt_id 
_struct_conn.pdbx_ptnr1_PDB_ins_code 
_struct_conn.pdbx_ptnr1_standard_comp_id 
_struct_conn.ptnr1_symmetry 
_struct_conn.ptnr2_label_asym_id 
_struct_conn.ptnr2_label_comp_id 
_struct_conn.ptnr2_label_seq_id 
_struct_conn.ptnr2_label_atom_id 
_struct_conn.pdbx_ptnr2_label_alt_id 
_struct_conn.pdbx_ptnr2_PDB_ins_code 
_struct_conn.ptnr1_auth_asym_id 
_struct_conn.ptnr1_auth_comp_id 
_struct_conn.ptnr1_auth_seq_id 
_struct_conn.ptnr2_auth_asym_id 
_struct_conn.ptnr2_auth_comp_id 
_struct_conn.ptnr2_auth_seq_id 
_struct_conn.ptnr2_symmetry 
_struct_conn.pdbx_ptnr3_label_atom_id 
_struct_conn.pdbx_ptnr3_label_seq_id 
_struct_conn.pdbx_ptnr3_label_comp_id 
_struct_conn.pdbx_ptnr3_label_asym_id 
_struct_conn.pdbx_ptnr3_label_alt_id 
_struct_conn.pdbx_ptnr3_PDB_ins_code 
_struct_conn.details 
_struct_conn.pdbx_dist_value 
_struct_conn.pdbx_value_order 
_struct_conn.pdbx_role 
covale1  covale both ? A DA  6  "O3'" ? ? ? 1_555 A T32 7  P  ? ? A DA  6  A T32 7  1_555 ? ? ? ? ? ? ?            1.580 ? ? 
covale2  covale one  ? A T32 7  "O3'" ? ? ? 1_555 A T32 8  P  ? ? A T32 7  A T32 8  1_555 ? ? ? ? ? ? ?            1.574 ? ? 
covale3  covale one  ? A T32 8  "O3'" ? ? ? 1_555 A DC  9  P  ? ? A T32 8  A DC  9  1_555 ? ? ? ? ? ? ?            1.590 ? ? 
covale4  covale both ? B DA  6  "O3'" ? ? ? 1_555 B T32 7  P  ? ? B DA  18 B T32 19 1_555 ? ? ? ? ? ? ?            1.590 ? ? 
covale5  covale one  ? B T32 7  "O3'" ? ? ? 1_555 B T32 8  P  ? ? B T32 19 B T32 20 1_555 ? ? ? ? ? ? ?            1.556 ? ? 
covale6  covale one  ? B T32 8  "O3'" ? ? ? 1_555 B DC  9  P  ? ? B T32 20 B DC  21 1_555 ? ? ? ? ? ? ?            1.596 ? ? 
hydrog1  hydrog ?    ? A DC  1  N3    ? ? ? 1_555 B DG  12 N1 ? ? A DC  1  B DG  24 1_555 ? ? ? ? ? ? WATSON-CRICK ?     ? ? 
hydrog2  hydrog ?    ? A DC  1  N4    ? ? ? 1_555 B DG  12 O6 ? ? A DC  1  B DG  24 1_555 ? ? ? ? ? ? WATSON-CRICK ?     ? ? 
hydrog3  hydrog ?    ? A DC  1  O2    ? ? ? 1_555 B DG  12 N2 ? ? A DC  1  B DG  24 1_555 ? ? ? ? ? ? WATSON-CRICK ?     ? ? 
hydrog4  hydrog ?    ? A DG  2  N1    ? ? ? 1_555 B DC  11 N3 ? ? A DG  2  B DC  23 1_555 ? ? ? ? ? ? WATSON-CRICK ?     ? ? 
hydrog5  hydrog ?    ? A DG  2  N2    ? ? ? 1_555 B DC  11 O2 ? ? A DG  2  B DC  23 1_555 ? ? ? ? ? ? WATSON-CRICK ?     ? ? 
hydrog6  hydrog ?    ? A DG  2  O6    ? ? ? 1_555 B DC  11 N4 ? ? A DG  2  B DC  23 1_555 ? ? ? ? ? ? WATSON-CRICK ?     ? ? 
hydrog7  hydrog ?    ? A DC  3  N3    ? ? ? 1_555 B DG  10 N1 ? ? A DC  3  B DG  22 1_555 ? ? ? ? ? ? WATSON-CRICK ?     ? ? 
hydrog8  hydrog ?    ? A DC  3  N4    ? ? ? 1_555 B DG  10 O6 ? ? A DC  3  B DG  22 1_555 ? ? ? ? ? ? WATSON-CRICK ?     ? ? 
hydrog9  hydrog ?    ? A DC  3  O2    ? ? ? 1_555 B DG  10 N2 ? ? A DC  3  B DG  22 1_555 ? ? ? ? ? ? WATSON-CRICK ?     ? ? 
hydrog10 hydrog ?    ? A DG  4  N1    ? ? ? 1_555 B DC  9  N3 ? ? A DG  4  B DC  21 1_555 ? ? ? ? ? ? WATSON-CRICK ?     ? ? 
hydrog11 hydrog ?    ? A DG  4  N2    ? ? ? 1_555 B DC  9  O2 ? ? A DG  4  B DC  21 1_555 ? ? ? ? ? ? WATSON-CRICK ?     ? ? 
hydrog12 hydrog ?    ? A DG  4  O6    ? ? ? 1_555 B DC  9  N4 ? ? A DG  4  B DC  21 1_555 ? ? ? ? ? ? WATSON-CRICK ?     ? ? 
hydrog13 hydrog ?    ? A DA  5  N1    ? ? ? 1_555 B T32 8  N3 ? ? A DA  5  B T32 20 1_555 ? ? ? ? ? ? WATSON-CRICK ?     ? ? 
hydrog14 hydrog ?    ? A DA  5  N6    ? ? ? 1_555 B T32 8  O4 ? ? A DA  5  B T32 20 1_555 ? ? ? ? ? ? WATSON-CRICK ?     ? ? 
hydrog15 hydrog ?    ? A DA  6  N1    ? ? ? 1_555 B T32 7  N3 ? ? A DA  6  B T32 19 1_555 ? ? ? ? ? ? WATSON-CRICK ?     ? ? 
hydrog16 hydrog ?    ? A DA  6  N6    ? ? ? 1_555 B T32 7  O4 ? ? A DA  6  B T32 19 1_555 ? ? ? ? ? ? WATSON-CRICK ?     ? ? 
hydrog17 hydrog ?    ? A T32 7  N3    ? ? ? 1_555 B DA  6  N1 ? ? A T32 7  B DA  18 1_555 ? ? ? ? ? ? WATSON-CRICK ?     ? ? 
hydrog18 hydrog ?    ? A T32 7  O4    ? ? ? 1_555 B DA  6  N6 ? ? A T32 7  B DA  18 1_555 ? ? ? ? ? ? WATSON-CRICK ?     ? ? 
hydrog19 hydrog ?    ? A T32 8  N3    ? ? ? 1_555 B DA  5  N1 ? ? A T32 8  B DA  17 1_555 ? ? ? ? ? ? WATSON-CRICK ?     ? ? 
hydrog20 hydrog ?    ? A T32 8  O4    ? ? ? 1_555 B DA  5  N6 ? ? A T32 8  B DA  17 1_555 ? ? ? ? ? ? WATSON-CRICK ?     ? ? 
hydrog21 hydrog ?    ? A DC  9  N3    ? ? ? 1_555 B DG  4  N1 ? ? A DC  9  B DG  16 1_555 ? ? ? ? ? ? WATSON-CRICK ?     ? ? 
hydrog22 hydrog ?    ? A DC  9  N4    ? ? ? 1_555 B DG  4  O6 ? ? A DC  9  B DG  16 1_555 ? ? ? ? ? ? WATSON-CRICK ?     ? ? 
hydrog23 hydrog ?    ? A DC  9  O2    ? ? ? 1_555 B DG  4  N2 ? ? A DC  9  B DG  16 1_555 ? ? ? ? ? ? WATSON-CRICK ?     ? ? 
hydrog24 hydrog ?    ? A DG  10 N1    ? ? ? 1_555 B DC  3  N3 ? ? A DG  10 B DC  15 1_555 ? ? ? ? ? ? WATSON-CRICK ?     ? ? 
hydrog25 hydrog ?    ? A DG  10 N2    ? ? ? 1_555 B DC  3  O2 ? ? A DG  10 B DC  15 1_555 ? ? ? ? ? ? WATSON-CRICK ?     ? ? 
hydrog26 hydrog ?    ? A DG  10 O6    ? ? ? 1_555 B DC  3  N4 ? ? A DG  10 B DC  15 1_555 ? ? ? ? ? ? WATSON-CRICK ?     ? ? 
hydrog27 hydrog ?    ? A DC  11 N3    ? ? ? 1_555 B DG  2  N1 ? ? A DC  11 B DG  14 1_555 ? ? ? ? ? ? WATSON-CRICK ?     ? ? 
hydrog28 hydrog ?    ? A DC  11 N4    ? ? ? 1_555 B DG  2  O6 ? ? A DC  11 B DG  14 1_555 ? ? ? ? ? ? WATSON-CRICK ?     ? ? 
hydrog29 hydrog ?    ? A DC  11 O2    ? ? ? 1_555 B DG  2  N2 ? ? A DC  11 B DG  14 1_555 ? ? ? ? ? ? WATSON-CRICK ?     ? ? 
hydrog30 hydrog ?    ? A DG  12 N1    ? ? ? 1_555 B DC  1  N3 ? ? A DG  12 B DC  13 1_555 ? ? ? ? ? ? WATSON-CRICK ?     ? ? 
hydrog31 hydrog ?    ? A DG  12 N2    ? ? ? 1_555 B DC  1  O2 ? ? A DG  12 B DC  13 1_555 ? ? ? ? ? ? WATSON-CRICK ?     ? ? 
hydrog32 hydrog ?    ? A DG  12 O6    ? ? ? 1_555 B DC  1  N4 ? ? A DG  12 B DC  13 1_555 ? ? ? ? ? ? WATSON-CRICK ?     ? ? 
# 
loop_
_struct_conn_type.id 
_struct_conn_type.criteria 
_struct_conn_type.reference 
covale ? ? 
hydrog ? ? 
# 
loop_
_pdbx_validate_rmsd_bond.id 
_pdbx_validate_rmsd_bond.PDB_model_num 
_pdbx_validate_rmsd_bond.auth_atom_id_1 
_pdbx_validate_rmsd_bond.auth_asym_id_1 
_pdbx_validate_rmsd_bond.auth_comp_id_1 
_pdbx_validate_rmsd_bond.auth_seq_id_1 
_pdbx_validate_rmsd_bond.PDB_ins_code_1 
_pdbx_validate_rmsd_bond.label_alt_id_1 
_pdbx_validate_rmsd_bond.auth_atom_id_2 
_pdbx_validate_rmsd_bond.auth_asym_id_2 
_pdbx_validate_rmsd_bond.auth_comp_id_2 
_pdbx_validate_rmsd_bond.auth_seq_id_2 
_pdbx_validate_rmsd_bond.PDB_ins_code_2 
_pdbx_validate_rmsd_bond.label_alt_id_2 
_pdbx_validate_rmsd_bond.bond_value 
_pdbx_validate_rmsd_bond.bond_target_value 
_pdbx_validate_rmsd_bond.bond_deviation 
_pdbx_validate_rmsd_bond.bond_standard_deviation 
_pdbx_validate_rmsd_bond.linker_flag 
1 1 C5    A DG 10 ? ? C6    A DG 10 ? ? 1.354 1.419 -0.065 0.010 N 
2 1 "C5'" B DC 13 ? ? "C4'" B DC 13 ? ? 1.558 1.512 0.046  0.007 N 
3 1 "O3'" B DC 15 ? ? "C3'" B DC 15 ? ? 1.380 1.419 -0.039 0.006 N 
4 1 N1    B DC 15 ? ? C6    B DC 15 ? ? 1.328 1.367 -0.039 0.006 N 
5 1 C6    B DG 22 ? ? N1    B DG 22 ? ? 1.337 1.391 -0.054 0.007 N 
# 
loop_
_pdbx_validate_rmsd_angle.id 
_pdbx_validate_rmsd_angle.PDB_model_num 
_pdbx_validate_rmsd_angle.auth_atom_id_1 
_pdbx_validate_rmsd_angle.auth_asym_id_1 
_pdbx_validate_rmsd_angle.auth_comp_id_1 
_pdbx_validate_rmsd_angle.auth_seq_id_1 
_pdbx_validate_rmsd_angle.PDB_ins_code_1 
_pdbx_validate_rmsd_angle.label_alt_id_1 
_pdbx_validate_rmsd_angle.auth_atom_id_2 
_pdbx_validate_rmsd_angle.auth_asym_id_2 
_pdbx_validate_rmsd_angle.auth_comp_id_2 
_pdbx_validate_rmsd_angle.auth_seq_id_2 
_pdbx_validate_rmsd_angle.PDB_ins_code_2 
_pdbx_validate_rmsd_angle.label_alt_id_2 
_pdbx_validate_rmsd_angle.auth_atom_id_3 
_pdbx_validate_rmsd_angle.auth_asym_id_3 
_pdbx_validate_rmsd_angle.auth_comp_id_3 
_pdbx_validate_rmsd_angle.auth_seq_id_3 
_pdbx_validate_rmsd_angle.PDB_ins_code_3 
_pdbx_validate_rmsd_angle.label_alt_id_3 
_pdbx_validate_rmsd_angle.angle_value 
_pdbx_validate_rmsd_angle.angle_target_value 
_pdbx_validate_rmsd_angle.angle_deviation 
_pdbx_validate_rmsd_angle.angle_standard_deviation 
_pdbx_validate_rmsd_angle.linker_flag 
1  1 "C4'" A DC  1  ? ? "C3'" A DC  1  ? ? "C2'" A DC 1  ? ? 95.88  102.20 -6.32  0.70 N 
2  1 "O4'" A DC  1  ? ? "C1'" A DC  1  ? ? "C2'" A DC 1  ? ? 93.85  105.90 -12.05 0.80 N 
3  1 "C3'" A DC  1  ? ? "O3'" A DC  1  ? ? P     A DG 2  ? ? 134.77 119.70 15.07  1.20 Y 
4  1 "C4'" A DG  2  ? ? "C3'" A DG  2  ? ? "C2'" A DG 2  ? ? 94.97  102.20 -7.23  0.70 N 
5  1 "O4'" A DG  2  ? ? "C1'" A DG  2  ? ? N9    A DG 2  ? ? 119.33 108.30 11.03  0.30 N 
6  1 "O4'" A DC  3  ? ? "C1'" A DC  3  ? ? "C2'" A DC 3  ? ? 99.09  105.90 -6.81  0.80 N 
7  1 N1    A DC  3  ? ? C2    A DC  3  ? ? O2    A DC 3  ? ? 123.91 118.90 5.01   0.60 N 
8  1 N3    A DC  3  ? ? C4    A DC  3  ? ? N4    A DC 3  ? ? 122.83 118.00 4.83   0.70 N 
9  1 C5    A DC  3  ? ? C4    A DC  3  ? ? N4    A DC 3  ? ? 114.05 120.20 -6.15  0.70 N 
10 1 "C1'" A DG  4  ? ? "O4'" A DG  4  ? ? "C4'" A DG 4  ? ? 115.24 110.30 4.94   0.70 N 
11 1 "O4'" A DG  4  ? ? "C1'" A DG  4  ? ? "C2'" A DG 4  ? ? 97.15  105.90 -8.75  0.80 N 
12 1 "O4'" A DA  6  ? ? "C1'" A DA  6  ? ? "C2'" A DA 6  ? ? 101.08 105.90 -4.82  0.80 N 
13 1 "O4'" A DA  6  ? ? "C1'" A DA  6  ? ? N9    A DA 6  ? ? 115.28 108.30 6.98   0.30 N 
14 1 "C3'" A T32 8  ? ? "O3'" A T32 8  ? ? P     A DC 9  ? ? 135.56 119.70 15.86  1.20 Y 
15 1 "O4'" A DC  9  ? ? "C1'" A DC  9  ? ? N1    A DC 9  ? ? 114.42 108.30 6.12   0.30 N 
16 1 N1    A DC  9  ? ? C2    A DC  9  ? ? O2    A DC 9  ? ? 122.55 118.90 3.65   0.60 N 
17 1 "C3'" A DC  9  ? ? "O3'" A DC  9  ? ? P     A DG 10 ? ? 127.04 119.70 7.34   1.20 Y 
18 1 "O4'" A DG  10 ? ? "C1'" A DG  10 ? ? N9    A DG 10 ? ? 116.77 108.30 8.47   0.30 N 
19 1 C5    A DG  10 ? ? N7    A DG  10 ? ? C8    A DG 10 ? ? 101.24 104.30 -3.06  0.50 N 
20 1 C5    A DG  10 ? ? C6    A DG  10 ? ? O6    A DG 10 ? ? 124.83 128.60 -3.77  0.60 N 
21 1 N1    A DC  11 ? ? C2    A DC  11 ? ? O2    A DC 11 ? ? 124.50 118.90 5.60   0.60 N 
22 1 N3    A DC  11 ? ? C2    A DC  11 ? ? O2    A DC 11 ? ? 115.59 121.90 -6.31  0.70 N 
23 1 "O4'" B DC  13 ? ? "C1'" B DC  13 ? ? N1    B DC 13 ? ? 102.70 108.00 -5.30  0.70 N 
24 1 C2    B DC  13 ? ? N3    B DC  13 ? ? C4    B DC 13 ? ? 122.92 119.90 3.02   0.50 N 
25 1 N1    B DC  13 ? ? C2    B DC  13 ? ? O2    B DC 13 ? ? 123.65 118.90 4.75   0.60 N 
26 1 "C3'" B DC  13 ? ? "O3'" B DC  13 ? ? P     B DG 14 ? ? 128.57 119.70 8.87   1.20 Y 
27 1 N1    B DC  15 ? ? C2    B DC  15 ? ? O2    B DC 15 ? ? 123.41 118.90 4.51   0.60 N 
28 1 N3    B DC  15 ? ? C2    B DC  15 ? ? O2    B DC 15 ? ? 117.61 121.90 -4.29  0.70 N 
29 1 "O4'" B DA  17 ? ? "C1'" B DA  17 ? ? N9    B DA 17 ? ? 112.73 108.30 4.43   0.30 N 
30 1 "O4'" B DA  18 ? ? "C1'" B DA  18 ? ? "C2'" B DA 18 ? ? 99.87  105.90 -6.03  0.80 N 
31 1 "C3'" B T32 20 ? ? "O3'" B T32 20 ? ? P     B DC 21 ? ? 129.93 119.70 10.23  1.20 Y 
32 1 N1    B DC  21 ? ? C2    B DC  21 ? ? O2    B DC 21 ? ? 123.43 118.90 4.53   0.60 N 
33 1 N3    B DC  21 ? ? C2    B DC  21 ? ? O2    B DC 21 ? ? 117.32 121.90 -4.58  0.70 N 
34 1 N1    B DG  24 ? ? C6    B DG  24 ? ? O6    B DG 24 ? ? 124.69 119.90 4.79   0.60 N 
35 1 C5    B DG  24 ? ? C6    B DG  24 ? ? O6    B DG 24 ? ? 124.66 128.60 -3.94  0.60 N 
# 
loop_
_pdbx_struct_mod_residue.id 
_pdbx_struct_mod_residue.label_asym_id 
_pdbx_struct_mod_residue.label_comp_id 
_pdbx_struct_mod_residue.label_seq_id 
_pdbx_struct_mod_residue.auth_asym_id 
_pdbx_struct_mod_residue.auth_comp_id 
_pdbx_struct_mod_residue.auth_seq_id 
_pdbx_struct_mod_residue.PDB_ins_code 
_pdbx_struct_mod_residue.parent_comp_id 
_pdbx_struct_mod_residue.details 
1 A T32 7 A T32 7  ? DT ? 
2 A T32 8 A T32 8  ? DT ? 
3 B T32 7 B T32 19 ? DT ? 
4 B T32 8 B T32 20 ? DT ? 
# 
loop_
_refine_B_iso.class 
_refine_B_iso.details 
_refine_B_iso.treatment 
_refine_B_iso.pdbx_refine_id 
'ALL ATOMS'  TR isotropic 'X-RAY DIFFRACTION' 
'ALL WATERS' TR isotropic 'X-RAY DIFFRACTION' 
# 
loop_
_refine_occupancy.class 
_refine_occupancy.treatment 
_refine_occupancy.pdbx_refine_id 
'ALL ATOMS'  fix 'X-RAY DIFFRACTION' 
'ALL WATERS' fix 'X-RAY DIFFRACTION' 
# 
loop_
_chem_comp_atom.comp_id 
_chem_comp_atom.atom_id 
_chem_comp_atom.type_symbol 
_chem_comp_atom.pdbx_aromatic_flag 
_chem_comp_atom.pdbx_stereo_config 
_chem_comp_atom.pdbx_ordinal 
DA  OP3    O N N 1   
DA  P      P N N 2   
DA  OP1    O N N 3   
DA  OP2    O N N 4   
DA  "O5'"  O N N 5   
DA  "C5'"  C N N 6   
DA  "C4'"  C N R 7   
DA  "O4'"  O N N 8   
DA  "C3'"  C N S 9   
DA  "O3'"  O N N 10  
DA  "C2'"  C N N 11  
DA  "C1'"  C N R 12  
DA  N9     N Y N 13  
DA  C8     C Y N 14  
DA  N7     N Y N 15  
DA  C5     C Y N 16  
DA  C6     C Y N 17  
DA  N6     N N N 18  
DA  N1     N Y N 19  
DA  C2     C Y N 20  
DA  N3     N Y N 21  
DA  C4     C Y N 22  
DA  HOP3   H N N 23  
DA  HOP2   H N N 24  
DA  "H5'"  H N N 25  
DA  "H5''" H N N 26  
DA  "H4'"  H N N 27  
DA  "H3'"  H N N 28  
DA  "HO3'" H N N 29  
DA  "H2'"  H N N 30  
DA  "H2''" H N N 31  
DA  "H1'"  H N N 32  
DA  H8     H N N 33  
DA  H61    H N N 34  
DA  H62    H N N 35  
DA  H2     H N N 36  
DC  OP3    O N N 37  
DC  P      P N N 38  
DC  OP1    O N N 39  
DC  OP2    O N N 40  
DC  "O5'"  O N N 41  
DC  "C5'"  C N N 42  
DC  "C4'"  C N R 43  
DC  "O4'"  O N N 44  
DC  "C3'"  C N S 45  
DC  "O3'"  O N N 46  
DC  "C2'"  C N N 47  
DC  "C1'"  C N R 48  
DC  N1     N N N 49  
DC  C2     C N N 50  
DC  O2     O N N 51  
DC  N3     N N N 52  
DC  C4     C N N 53  
DC  N4     N N N 54  
DC  C5     C N N 55  
DC  C6     C N N 56  
DC  HOP3   H N N 57  
DC  HOP2   H N N 58  
DC  "H5'"  H N N 59  
DC  "H5''" H N N 60  
DC  "H4'"  H N N 61  
DC  "H3'"  H N N 62  
DC  "HO3'" H N N 63  
DC  "H2'"  H N N 64  
DC  "H2''" H N N 65  
DC  "H1'"  H N N 66  
DC  H41    H N N 67  
DC  H42    H N N 68  
DC  H5     H N N 69  
DC  H6     H N N 70  
DG  OP3    O N N 71  
DG  P      P N N 72  
DG  OP1    O N N 73  
DG  OP2    O N N 74  
DG  "O5'"  O N N 75  
DG  "C5'"  C N N 76  
DG  "C4'"  C N R 77  
DG  "O4'"  O N N 78  
DG  "C3'"  C N S 79  
DG  "O3'"  O N N 80  
DG  "C2'"  C N N 81  
DG  "C1'"  C N R 82  
DG  N9     N Y N 83  
DG  C8     C Y N 84  
DG  N7     N Y N 85  
DG  C5     C Y N 86  
DG  C6     C N N 87  
DG  O6     O N N 88  
DG  N1     N N N 89  
DG  C2     C N N 90  
DG  N2     N N N 91  
DG  N3     N N N 92  
DG  C4     C Y N 93  
DG  HOP3   H N N 94  
DG  HOP2   H N N 95  
DG  "H5'"  H N N 96  
DG  "H5''" H N N 97  
DG  "H4'"  H N N 98  
DG  "H3'"  H N N 99  
DG  "HO3'" H N N 100 
DG  "H2'"  H N N 101 
DG  "H2''" H N N 102 
DG  "H1'"  H N N 103 
DG  H8     H N N 104 
DG  H1     H N N 105 
DG  H21    H N N 106 
DG  H22    H N N 107 
HOH O      O N N 108 
HOH H1     H N N 109 
HOH H2     H N N 110 
T32 P      P N N 111 
T32 O1P    O N N 112 
T32 O2P    O N N 113 
T32 O3P    O N N 114 
T32 "O5'"  O N N 115 
T32 "C5'"  C N N 116 
T32 "C4'"  C N R 117 
T32 "C3'"  C N S 118 
T32 "O3'"  O N N 119 
T32 "C2'"  C N N 120 
T32 "C1'"  C N S 121 
T32 N1     N N N 122 
T32 C2     C N N 123 
T32 O2     O N N 124 
T32 N3     N N N 125 
T32 C4     C N N 126 
T32 O4     O N N 127 
T32 C5     C N N 128 
T32 C5M    C N N 129 
T32 C6     C N N 130 
T32 "C'"   C N S 131 
T32 "CM'"  C N N 132 
T32 H2P    H N N 133 
T32 H3P    H N N 134 
T32 "H5'1" H N N 135 
T32 "H5'2" H N N 136 
T32 "H4'"  H N N 137 
T32 "H3'"  H N N 138 
T32 HA     H N N 139 
T32 "H2'1" H N N 140 
T32 "H2'2" H N N 141 
T32 "H1'"  H N N 142 
T32 H3     H N N 143 
T32 H5M1   H N N 144 
T32 H5M2   H N N 145 
T32 H5M3   H N N 146 
T32 H6     H N N 147 
T32 "H'"   H N N 148 
T32 "HM'1" H N N 149 
T32 "HM'2" H N N 150 
T32 "HM'3" H N N 151 
# 
loop_
_chem_comp_bond.comp_id 
_chem_comp_bond.atom_id_1 
_chem_comp_bond.atom_id_2 
_chem_comp_bond.value_order 
_chem_comp_bond.pdbx_aromatic_flag 
_chem_comp_bond.pdbx_stereo_config 
_chem_comp_bond.pdbx_ordinal 
DA  OP3   P      sing N N 1   
DA  OP3   HOP3   sing N N 2   
DA  P     OP1    doub N N 3   
DA  P     OP2    sing N N 4   
DA  P     "O5'"  sing N N 5   
DA  OP2   HOP2   sing N N 6   
DA  "O5'" "C5'"  sing N N 7   
DA  "C5'" "C4'"  sing N N 8   
DA  "C5'" "H5'"  sing N N 9   
DA  "C5'" "H5''" sing N N 10  
DA  "C4'" "O4'"  sing N N 11  
DA  "C4'" "C3'"  sing N N 12  
DA  "C4'" "H4'"  sing N N 13  
DA  "O4'" "C1'"  sing N N 14  
DA  "C3'" "O3'"  sing N N 15  
DA  "C3'" "C2'"  sing N N 16  
DA  "C3'" "H3'"  sing N N 17  
DA  "O3'" "HO3'" sing N N 18  
DA  "C2'" "C1'"  sing N N 19  
DA  "C2'" "H2'"  sing N N 20  
DA  "C2'" "H2''" sing N N 21  
DA  "C1'" N9     sing N N 22  
DA  "C1'" "H1'"  sing N N 23  
DA  N9    C8     sing Y N 24  
DA  N9    C4     sing Y N 25  
DA  C8    N7     doub Y N 26  
DA  C8    H8     sing N N 27  
DA  N7    C5     sing Y N 28  
DA  C5    C6     sing Y N 29  
DA  C5    C4     doub Y N 30  
DA  C6    N6     sing N N 31  
DA  C6    N1     doub Y N 32  
DA  N6    H61    sing N N 33  
DA  N6    H62    sing N N 34  
DA  N1    C2     sing Y N 35  
DA  C2    N3     doub Y N 36  
DA  C2    H2     sing N N 37  
DA  N3    C4     sing Y N 38  
DC  OP3   P      sing N N 39  
DC  OP3   HOP3   sing N N 40  
DC  P     OP1    doub N N 41  
DC  P     OP2    sing N N 42  
DC  P     "O5'"  sing N N 43  
DC  OP2   HOP2   sing N N 44  
DC  "O5'" "C5'"  sing N N 45  
DC  "C5'" "C4'"  sing N N 46  
DC  "C5'" "H5'"  sing N N 47  
DC  "C5'" "H5''" sing N N 48  
DC  "C4'" "O4'"  sing N N 49  
DC  "C4'" "C3'"  sing N N 50  
DC  "C4'" "H4'"  sing N N 51  
DC  "O4'" "C1'"  sing N N 52  
DC  "C3'" "O3'"  sing N N 53  
DC  "C3'" "C2'"  sing N N 54  
DC  "C3'" "H3'"  sing N N 55  
DC  "O3'" "HO3'" sing N N 56  
DC  "C2'" "C1'"  sing N N 57  
DC  "C2'" "H2'"  sing N N 58  
DC  "C2'" "H2''" sing N N 59  
DC  "C1'" N1     sing N N 60  
DC  "C1'" "H1'"  sing N N 61  
DC  N1    C2     sing N N 62  
DC  N1    C6     sing N N 63  
DC  C2    O2     doub N N 64  
DC  C2    N3     sing N N 65  
DC  N3    C4     doub N N 66  
DC  C4    N4     sing N N 67  
DC  C4    C5     sing N N 68  
DC  N4    H41    sing N N 69  
DC  N4    H42    sing N N 70  
DC  C5    C6     doub N N 71  
DC  C5    H5     sing N N 72  
DC  C6    H6     sing N N 73  
DG  OP3   P      sing N N 74  
DG  OP3   HOP3   sing N N 75  
DG  P     OP1    doub N N 76  
DG  P     OP2    sing N N 77  
DG  P     "O5'"  sing N N 78  
DG  OP2   HOP2   sing N N 79  
DG  "O5'" "C5'"  sing N N 80  
DG  "C5'" "C4'"  sing N N 81  
DG  "C5'" "H5'"  sing N N 82  
DG  "C5'" "H5''" sing N N 83  
DG  "C4'" "O4'"  sing N N 84  
DG  "C4'" "C3'"  sing N N 85  
DG  "C4'" "H4'"  sing N N 86  
DG  "O4'" "C1'"  sing N N 87  
DG  "C3'" "O3'"  sing N N 88  
DG  "C3'" "C2'"  sing N N 89  
DG  "C3'" "H3'"  sing N N 90  
DG  "O3'" "HO3'" sing N N 91  
DG  "C2'" "C1'"  sing N N 92  
DG  "C2'" "H2'"  sing N N 93  
DG  "C2'" "H2''" sing N N 94  
DG  "C1'" N9     sing N N 95  
DG  "C1'" "H1'"  sing N N 96  
DG  N9    C8     sing Y N 97  
DG  N9    C4     sing Y N 98  
DG  C8    N7     doub Y N 99  
DG  C8    H8     sing N N 100 
DG  N7    C5     sing Y N 101 
DG  C5    C6     sing N N 102 
DG  C5    C4     doub Y N 103 
DG  C6    O6     doub N N 104 
DG  C6    N1     sing N N 105 
DG  N1    C2     sing N N 106 
DG  N1    H1     sing N N 107 
DG  C2    N2     sing N N 108 
DG  C2    N3     doub N N 109 
DG  N2    H21    sing N N 110 
DG  N2    H22    sing N N 111 
DG  N3    C4     sing N N 112 
HOH O     H1     sing N N 113 
HOH O     H2     sing N N 114 
T32 P     O1P    doub N N 115 
T32 P     O2P    sing N N 116 
T32 P     O3P    sing N N 117 
T32 P     "O5'"  sing N N 118 
T32 O2P   H2P    sing N N 119 
T32 O3P   H3P    sing N N 120 
T32 "O5'" "C5'"  sing N N 121 
T32 "C5'" "C4'"  sing N N 122 
T32 "C5'" "H5'1" sing N N 123 
T32 "C5'" "H5'2" sing N N 124 
T32 "C4'" "C3'"  sing N N 125 
T32 "C4'" "C'"   sing N N 126 
T32 "C4'" "H4'"  sing N N 127 
T32 "C3'" "O3'"  sing N N 128 
T32 "C3'" "C2'"  sing N N 129 
T32 "C3'" "H3'"  sing N N 130 
T32 "O3'" HA     sing N N 131 
T32 "C2'" "C1'"  sing N N 132 
T32 "C2'" "H2'1" sing N N 133 
T32 "C2'" "H2'2" sing N N 134 
T32 "C1'" N1     sing N N 135 
T32 "C1'" "C'"   sing N N 136 
T32 "C1'" "H1'"  sing N N 137 
T32 N1    C2     sing N N 138 
T32 N1    C6     sing N N 139 
T32 C2    O2     doub N N 140 
T32 C2    N3     sing N N 141 
T32 N3    C4     sing N N 142 
T32 N3    H3     sing N N 143 
T32 C4    O4     doub N N 144 
T32 C4    C5     sing N N 145 
T32 C5    C5M    sing N N 146 
T32 C5    C6     doub N N 147 
T32 C5M   H5M1   sing N N 148 
T32 C5M   H5M2   sing N N 149 
T32 C5M   H5M3   sing N N 150 
T32 C6    H6     sing N N 151 
T32 "C'"  "CM'"  sing N N 152 
T32 "C'"  "H'"   sing N N 153 
T32 "CM'" "HM'1" sing N N 154 
T32 "CM'" "HM'2" sing N N 155 
T32 "CM'" "HM'3" sing N N 156 
# 
_ndb_struct_conf_na.entry_id   290D 
_ndb_struct_conf_na.feature    'b-form double helix' 
# 
loop_
_ndb_struct_na_base_pair.model_number 
_ndb_struct_na_base_pair.i_label_asym_id 
_ndb_struct_na_base_pair.i_label_comp_id 
_ndb_struct_na_base_pair.i_label_seq_id 
_ndb_struct_na_base_pair.i_symmetry 
_ndb_struct_na_base_pair.j_label_asym_id 
_ndb_struct_na_base_pair.j_label_comp_id 
_ndb_struct_na_base_pair.j_label_seq_id 
_ndb_struct_na_base_pair.j_symmetry 
_ndb_struct_na_base_pair.shear 
_ndb_struct_na_base_pair.stretch 
_ndb_struct_na_base_pair.stagger 
_ndb_struct_na_base_pair.buckle 
_ndb_struct_na_base_pair.propeller 
_ndb_struct_na_base_pair.opening 
_ndb_struct_na_base_pair.pair_number 
_ndb_struct_na_base_pair.pair_name 
_ndb_struct_na_base_pair.i_auth_asym_id 
_ndb_struct_na_base_pair.i_auth_seq_id 
_ndb_struct_na_base_pair.i_PDB_ins_code 
_ndb_struct_na_base_pair.j_auth_asym_id 
_ndb_struct_na_base_pair.j_auth_seq_id 
_ndb_struct_na_base_pair.j_PDB_ins_code 
_ndb_struct_na_base_pair.hbond_type_28 
_ndb_struct_na_base_pair.hbond_type_12 
1 A DC  1  1_555 B DG  12 1_555 -0.392 -0.383 0.062  4.873   -7.781  -2.552  1  A_DC1:DG24_B  A 1  ? B 24 ? 19 1 
1 A DG  2  1_555 B DC  11 1_555 -0.521 -0.577 0.280  2.847   -25.301 -5.435  2  A_DG2:DC23_B  A 2  ? B 23 ? 19 1 
1 A DC  3  1_555 B DG  10 1_555 -0.339 -0.260 0.323  -11.257 -3.960  -11.637 3  A_DC3:DG22_B  A 3  ? B 22 ? 19 1 
1 A DG  4  1_555 B DC  9  1_555 0.184  -0.315 -0.469 0.031   -14.681 0.122   4  A_DG4:DC21_B  A 4  ? B 21 ? 19 1 
1 A DA  5  1_555 B T32 8  1_555 -0.301 0.047  -0.243 -1.115  -14.783 2.583   5  A_DA5:T3220_B A 5  ? B 20 ? 20 1 
1 A DA  6  1_555 B T32 7  1_555 -0.198 -0.262 0.014  4.933   -10.903 -1.232  6  A_DA6:T3219_B A 6  ? B 19 ? 20 1 
1 A T32 7  1_555 B DA  6  1_555 0.258  -0.356 -0.469 3.333   -19.323 -2.966  7  A_T327:DA18_B A 7  ? B 18 ? 20 1 
1 A T32 8  1_555 B DA  5  1_555 -0.064 -0.451 -0.177 -0.129  -15.432 -5.081  8  A_T328:DA17_B A 8  ? B 17 ? 20 1 
1 A DC  9  1_555 B DG  4  1_555 0.182  -0.308 0.064  -15.443 -14.023 -0.198  9  A_DC9:DG16_B  A 9  ? B 16 ? 19 1 
1 A DG  10 1_555 B DC  3  1_555 0.006  -0.379 0.432  2.066   -10.666 -2.618  10 A_DG10:DC15_B A 10 ? B 15 ? 19 1 
1 A DC  11 1_555 B DG  2  1_555 0.945  -0.434 0.273  3.755   -22.611 -6.012  11 A_DC11:DG14_B A 11 ? B 14 ? 19 1 
1 A DG  12 1_555 B DC  1  1_555 -0.661 -0.454 -0.300 -9.675  -6.994  -5.614  12 A_DG12:DC13_B A 12 ? B 13 ? 19 1 
# 
loop_
_ndb_struct_na_base_pair_step.model_number 
_ndb_struct_na_base_pair_step.i_label_asym_id_1 
_ndb_struct_na_base_pair_step.i_label_comp_id_1 
_ndb_struct_na_base_pair_step.i_label_seq_id_1 
_ndb_struct_na_base_pair_step.i_symmetry_1 
_ndb_struct_na_base_pair_step.j_label_asym_id_1 
_ndb_struct_na_base_pair_step.j_label_comp_id_1 
_ndb_struct_na_base_pair_step.j_label_seq_id_1 
_ndb_struct_na_base_pair_step.j_symmetry_1 
_ndb_struct_na_base_pair_step.i_label_asym_id_2 
_ndb_struct_na_base_pair_step.i_label_comp_id_2 
_ndb_struct_na_base_pair_step.i_label_seq_id_2 
_ndb_struct_na_base_pair_step.i_symmetry_2 
_ndb_struct_na_base_pair_step.j_label_asym_id_2 
_ndb_struct_na_base_pair_step.j_label_comp_id_2 
_ndb_struct_na_base_pair_step.j_label_seq_id_2 
_ndb_struct_na_base_pair_step.j_symmetry_2 
_ndb_struct_na_base_pair_step.shift 
_ndb_struct_na_base_pair_step.slide 
_ndb_struct_na_base_pair_step.rise 
_ndb_struct_na_base_pair_step.tilt 
_ndb_struct_na_base_pair_step.roll 
_ndb_struct_na_base_pair_step.twist 
_ndb_struct_na_base_pair_step.x_displacement 
_ndb_struct_na_base_pair_step.y_displacement 
_ndb_struct_na_base_pair_step.helical_rise 
_ndb_struct_na_base_pair_step.inclination 
_ndb_struct_na_base_pair_step.tip 
_ndb_struct_na_base_pair_step.helical_twist 
_ndb_struct_na_base_pair_step.step_number 
_ndb_struct_na_base_pair_step.step_name 
_ndb_struct_na_base_pair_step.i_auth_asym_id_1 
_ndb_struct_na_base_pair_step.i_auth_seq_id_1 
_ndb_struct_na_base_pair_step.i_PDB_ins_code_1 
_ndb_struct_na_base_pair_step.j_auth_asym_id_1 
_ndb_struct_na_base_pair_step.j_auth_seq_id_1 
_ndb_struct_na_base_pair_step.j_PDB_ins_code_1 
_ndb_struct_na_base_pair_step.i_auth_asym_id_2 
_ndb_struct_na_base_pair_step.i_auth_seq_id_2 
_ndb_struct_na_base_pair_step.i_PDB_ins_code_2 
_ndb_struct_na_base_pair_step.j_auth_asym_id_2 
_ndb_struct_na_base_pair_step.j_auth_seq_id_2 
_ndb_struct_na_base_pair_step.j_PDB_ins_code_2 
1 A DC  1  1_555 B DG  12 1_555 A DG  2  1_555 B DC  11 1_555 -0.544 0.198  3.505 -1.224 2.986   37.804 -0.106 0.668  3.525 4.598 
1.885   37.936 1  AA_DC1DG2:DC23DG24_BB   A 1  ? B 24 ? A 2  ? B 23 ? 
1 A DG  2  1_555 B DC  11 1_555 A DC  3  1_555 B DG  10 1_555 0.113  0.090  3.753 -0.555 -0.003  41.662 0.127  -0.227 3.751 -0.005 
0.780   41.665 2  AA_DG2DC3:DG22DC23_BB   A 2  ? B 23 ? A 3  ? B 22 ? 
1 A DC  3  1_555 B DG  10 1_555 A DG  4  1_555 B DC  9  1_555 0.032  0.766  3.336 4.132  5.721   32.472 0.342  0.664  3.396 10.082 
-7.281  33.210 3  AA_DC3DG4:DC21DG22_BB   A 3  ? B 22 ? A 4  ? B 21 ? 
1 A DG  4  1_555 B DC  9  1_555 A DA  5  1_555 B T32 8  1_555 0.107  0.043  3.275 -3.814 3.306   33.307 -0.465 -0.806 3.233 5.727 
6.606   33.676 4  AA_DG4DA5:T3220DC21_BB  A 4  ? B 21 ? A 5  ? B 20 ? 
1 A DA  5  1_555 B T32 8  1_555 A DA  6  1_555 B T32 7  1_555 0.247  0.148  3.169 -2.530 0.672   34.850 0.148  -0.780 3.147 1.120 
4.217   34.945 5  AA_DA5DA6:T3219T3220_BB A 5  ? B 20 ? A 6  ? B 19 ? 
1 A DA  6  1_555 B T32 7  1_555 A T32 7  1_555 B DA  6  1_555 -0.188 -0.451 3.609 4.593  7.923   28.866 -2.601 1.367  3.303 15.411 
-8.934  30.254 6  AA_DA6T327:DA18T3219_BB A 6  ? B 19 ? A 7  ? B 18 ? 
1 A T32 7  1_555 B DA  6  1_555 A T32 8  1_555 B DA  5  1_555 -0.400 -0.006 3.494 -2.111 5.429   36.386 -0.800 0.326  3.475 8.626 
3.354   36.833 7  AA_T327T328:DA17DA18_BB A 7  ? B 18 ? A 8  ? B 17 ? 
1 A T32 8  1_555 B DA  5  1_555 A DC  9  1_555 B DG  4  1_555 -0.135 0.033  3.585 -1.780 -6.964  47.104 0.654  0.011  3.549 -8.655 
2.212   47.619 8  AA_T328DC9:DG16DA17_BB  A 8  ? B 17 ? A 9  ? B 16 ? 
1 A DC  9  1_555 B DG  4  1_555 A DG  10 1_555 B DC  3  1_555 0.531  0.675  3.050 -2.336 6.596   26.197 -0.147 -1.696 3.067 14.232 
5.040   27.100 9  AA_DC9DG10:DC15DG16_BB  A 9  ? B 16 ? A 10 ? B 15 ? 
1 A DG  10 1_555 B DC  3  1_555 A DC  11 1_555 B DG  2  1_555 -0.864 0.560  3.511 0.797  -12.136 45.842 1.734  1.144  3.257 
-15.265 -1.003  47.343 10 AA_DG10DC11:DG14DC15_BB A 10 ? B 15 ? A 11 ? B 14 ? 
1 A DC  11 1_555 B DG  2  1_555 A DG  12 1_555 B DC  1  1_555 0.796  0.630  3.821 6.365  1.136   30.763 0.909  -0.042 3.923 2.111 
-11.835 31.419 11 AA_DC11DG12:DC13DG14_BB A 11 ? B 14 ? A 12 ? B 13 ? 
# 
_pdbx_initial_refinement_model.accession_code   1BNA 
_pdbx_initial_refinement_model.id               1 
_pdbx_initial_refinement_model.entity_id_list   ? 
_pdbx_initial_refinement_model.type             'experimental model' 
_pdbx_initial_refinement_model.source_name      PDB 
_pdbx_initial_refinement_model.details          BDL001 
# 
_atom_sites.entry_id                    290D 
_atom_sites.fract_transf_matrix[1][1]   0.02197315 
_atom_sites.fract_transf_matrix[1][2]   -0.01586607 
_atom_sites.fract_transf_matrix[1][3]   -0.02899559 
_atom_sites.fract_transf_matrix[2][1]   -0.01828207 
_atom_sites.fract_transf_matrix[2][2]   -0.01539545 
_atom_sites.fract_transf_matrix[2][3]   -0.00543012 
_atom_sites.fract_transf_matrix[3][1]   -0.00558809 
_atom_sites.fract_transf_matrix[3][2]   0.01007368 
_atom_sites.fract_transf_matrix[3][3]   -0.00974692 
_atom_sites.fract_transf_vector[1]      0.581435 
_atom_sites.fract_transf_vector[2]      0.527274 
_atom_sites.fract_transf_vector[3]      0.128385 
# 
loop_
_atom_type.symbol 
C 
N 
O 
P 
# 
loop_
_atom_site.group_PDB 
_atom_site.id 
_atom_site.type_symbol 
_atom_site.label_atom_id 
_atom_site.label_alt_id 
_atom_site.label_comp_id 
_atom_site.label_asym_id 
_atom_site.label_entity_id 
_atom_site.label_seq_id 
_atom_site.pdbx_PDB_ins_code 
_atom_site.Cartn_x 
_atom_site.Cartn_y 
_atom_site.Cartn_z 
_atom_site.occupancy 
_atom_site.B_iso_or_equiv 
_atom_site.pdbx_formal_charge 
_atom_site.auth_seq_id 
_atom_site.auth_comp_id 
_atom_site.auth_asym_id 
_atom_site.auth_atom_id 
_atom_site.pdbx_PDB_model_num 
ATOM   1   O "O5'" . DC  A 1 1  ? -12.739 -0.299  -18.041 1.00 33.62 ? 1  DC  A "O5'" 1 
ATOM   2   C "C5'" . DC  A 1 1  ? -12.456 0.895   -17.301 1.00 28.43 ? 1  DC  A "C5'" 1 
ATOM   3   C "C4'" . DC  A 1 1  ? -10.981 1.148   -17.083 1.00 25.04 ? 1  DC  A "C4'" 1 
ATOM   4   O "O4'" . DC  A 1 1  ? -10.948 2.465   -16.581 1.00 21.87 ? 1  DC  A "O4'" 1 
ATOM   5   C "C3'" . DC  A 1 1  ? -10.270 0.274   -16.064 1.00 25.66 ? 1  DC  A "C3'" 1 
ATOM   6   O "O3'" . DC  A 1 1  ? -8.905  0.083   -16.512 1.00 30.78 ? 1  DC  A "O3'" 1 
ATOM   7   C "C2'" . DC  A 1 1  ? -10.277 1.299   -14.948 1.00 23.16 ? 1  DC  A "C2'" 1 
ATOM   8   C "C1'" . DC  A 1 1  ? -9.927  2.585   -15.641 1.00 19.15 ? 1  DC  A "C1'" 1 
ATOM   9   N N1    . DC  A 1 1  ? -10.160 3.882   -14.943 1.00 16.46 ? 1  DC  A N1    1 
ATOM   10  C C2    . DC  A 1 1  ? -9.306  4.949   -15.158 1.00 15.83 ? 1  DC  A C2    1 
ATOM   11  O O2    . DC  A 1 1  ? -8.319  4.851   -15.875 1.00 19.17 ? 1  DC  A O2    1 
ATOM   12  N N3    . DC  A 1 1  ? -9.550  6.134   -14.559 1.00 11.65 ? 1  DC  A N3    1 
ATOM   13  C C4    . DC  A 1 1  ? -10.598 6.257   -13.746 1.00 14.48 ? 1  DC  A C4    1 
ATOM   14  N N4    . DC  A 1 1  ? -10.848 7.407   -13.114 1.00 16.49 ? 1  DC  A N4    1 
ATOM   15  C C5    . DC  A 1 1  ? -11.490 5.186   -13.516 1.00 14.31 ? 1  DC  A C5    1 
ATOM   16  C C6    . DC  A 1 1  ? -11.233 4.025   -14.143 1.00 16.01 ? 1  DC  A C6    1 
ATOM   17  P P     . DG  A 1 2  ? -7.848  -1.194  -16.525 1.00 36.03 ? 2  DG  A P     1 
ATOM   18  O OP1   . DG  A 1 2  ? -8.287  -2.215  -17.490 1.00 34.30 ? 2  DG  A OP1   1 
ATOM   19  O OP2   . DG  A 1 2  ? -7.557  -1.604  -15.111 1.00 34.88 ? 2  DG  A OP2   1 
ATOM   20  O "O5'" . DG  A 1 2  ? -6.548  -0.548  -17.180 1.00 29.38 ? 2  DG  A "O5'" 1 
ATOM   21  C "C5'" . DG  A 1 2  ? -6.309  0.810   -16.872 1.00 26.87 ? 2  DG  A "C5'" 1 
ATOM   22  C "C4'" . DG  A 1 2  ? -4.860  1.130   -16.642 1.00 25.38 ? 2  DG  A "C4'" 1 
ATOM   23  O "O4'" . DG  A 1 2  ? -4.789  2.441   -16.039 1.00 24.76 ? 2  DG  A "O4'" 1 
ATOM   24  C "C3'" . DG  A 1 2  ? -4.223  0.158   -15.698 1.00 24.13 ? 2  DG  A "C3'" 1 
ATOM   25  O "O3'" . DG  A 1 2  ? -2.802  0.394   -15.687 1.00 27.98 ? 2  DG  A "O3'" 1 
ATOM   26  C "C2'" . DG  A 1 2  ? -4.849  0.733   -14.479 1.00 23.62 ? 2  DG  A "C2'" 1 
ATOM   27  C "C1'" . DG  A 1 2  ? -4.713  2.256   -14.643 1.00 20.26 ? 2  DG  A "C1'" 1 
ATOM   28  N N9    . DG  A 1 2  ? -5.661  2.979   -13.763 1.00 15.70 ? 2  DG  A N9    1 
ATOM   29  C C8    . DG  A 1 2  ? -6.698  2.427   -13.066 1.00 14.91 ? 2  DG  A C8    1 
ATOM   30  N N7    . DG  A 1 2  ? -7.290  3.240   -12.271 1.00 14.45 ? 2  DG  A N7    1 
ATOM   31  C C5    . DG  A 1 2  ? -6.598  4.424   -12.463 1.00 12.58 ? 2  DG  A C5    1 
ATOM   32  C C6    . DG  A 1 2  ? -6.833  5.667   -11.865 1.00 12.04 ? 2  DG  A C6    1 
ATOM   33  O O6    . DG  A 1 2  ? -7.734  5.932   -11.069 1.00 17.03 ? 2  DG  A O6    1 
ATOM   34  N N1    . DG  A 1 2  ? -5.959  6.629   -12.285 1.00 11.04 ? 2  DG  A N1    1 
ATOM   35  C C2    . DG  A 1 2  ? -4.971  6.421   -13.195 1.00 15.84 ? 2  DG  A C2    1 
ATOM   36  N N2    . DG  A 1 2  ? -4.220  7.466   -13.518 1.00 16.75 ? 2  DG  A N2    1 
ATOM   37  N N3    . DG  A 1 2  ? -4.741  5.224   -13.748 1.00 15.65 ? 2  DG  A N3    1 
ATOM   38  C C4    . DG  A 1 2  ? -5.588  4.278   -13.341 1.00 12.91 ? 2  DG  A C4    1 
ATOM   39  P P     . DC  A 1 3  ? -1.659  -0.588  -15.062 1.00 31.04 ? 3  DC  A P     1 
ATOM   40  O OP1   . DC  A 1 3  ? -1.008  -1.246  -16.223 1.00 29.37 ? 3  DC  A OP1   1 
ATOM   41  O OP2   . DC  A 1 3  ? -2.190  -1.399  -13.949 1.00 31.42 ? 3  DC  A OP2   1 
ATOM   42  O "O5'" . DC  A 1 3  ? -0.691  0.432   -14.365 1.00 26.72 ? 3  DC  A "O5'" 1 
ATOM   43  C "C5'" . DC  A 1 3  ? -0.171  1.567   -15.029 1.00 26.38 ? 3  DC  A "C5'" 1 
ATOM   44  C "C4'" . DC  A 1 3  ? 0.063   2.677   -14.008 1.00 26.31 ? 3  DC  A "C4'" 1 
ATOM   45  O "O4'" . DC  A 1 3  ? -1.141  3.109   -13.404 1.00 25.36 ? 3  DC  A "O4'" 1 
ATOM   46  C "C3'" . DC  A 1 3  ? 0.914   2.265   -12.827 1.00 26.33 ? 3  DC  A "C3'" 1 
ATOM   47  O "O3'" . DC  A 1 3  ? 2.149   2.924   -12.987 1.00 25.84 ? 3  DC  A "O3'" 1 
ATOM   48  C "C2'" . DC  A 1 3  ? 0.171   2.800   -11.631 1.00 23.59 ? 3  DC  A "C2'" 1 
ATOM   49  C "C1'" . DC  A 1 3  ? -0.845  3.749   -12.142 1.00 20.86 ? 3  DC  A "C1'" 1 
ATOM   50  N N1    . DC  A 1 3  ? -2.065  3.649   -11.357 1.00 16.17 ? 3  DC  A N1    1 
ATOM   51  C C2    . DC  A 1 3  ? -2.530  4.702   -10.610 1.00 16.58 ? 3  DC  A C2    1 
ATOM   52  O O2    . DC  A 1 3  ? -1.947  5.791   -10.512 1.00 14.25 ? 3  DC  A O2    1 
ATOM   53  N N3    . DC  A 1 3  ? -3.693  4.464   -9.929  1.00 15.39 ? 3  DC  A N3    1 
ATOM   54  C C4    . DC  A 1 3  ? -4.323  3.285   -10.018 1.00 15.26 ? 3  DC  A C4    1 
ATOM   55  N N4    . DC  A 1 3  ? -5.472  3.030   -9.392  1.00 17.04 ? 3  DC  A N4    1 
ATOM   56  C C5    . DC  A 1 3  ? -3.869  2.241   -10.817 1.00 12.77 ? 3  DC  A C5    1 
ATOM   57  C C6    . DC  A 1 3  ? -2.727  2.476   -11.453 1.00 15.34 ? 3  DC  A C6    1 
ATOM   58  P P     . DG  A 1 4  ? 3.278   2.684   -11.952 1.00 25.85 ? 4  DG  A P     1 
ATOM   59  O OP1   . DG  A 1 4  ? 4.580   2.864   -12.633 1.00 23.65 ? 4  DG  A OP1   1 
ATOM   60  O OP2   . DG  A 1 4  ? 2.994   1.502   -11.103 1.00 25.57 ? 4  DG  A OP2   1 
ATOM   61  O "O5'" . DG  A 1 4  ? 3.013   3.971   -11.057 1.00 24.37 ? 4  DG  A "O5'" 1 
ATOM   62  C "C5'" . DG  A 1 4  ? 3.482   5.255   -11.423 1.00 23.46 ? 4  DG  A "C5'" 1 
ATOM   63  C "C4'" . DG  A 1 4  ? 3.345   6.117   -10.200 1.00 24.57 ? 4  DG  A "C4'" 1 
ATOM   64  O "O4'" . DG  A 1 4  ? 2.033   5.838   -9.685  1.00 24.74 ? 4  DG  A "O4'" 1 
ATOM   65  C "C3'" . DG  A 1 4  ? 4.246   5.724   -9.032  1.00 27.72 ? 4  DG  A "C3'" 1 
ATOM   66  O "O3'" . DG  A 1 4  ? 4.714   6.927   -8.402  1.00 31.38 ? 4  DG  A "O3'" 1 
ATOM   67  C "C2'" . DG  A 1 4  ? 3.323   4.932   -8.122  1.00 24.44 ? 4  DG  A "C2'" 1 
ATOM   68  C "C1'" . DG  A 1 4  ? 1.970   5.580   -8.255  1.00 20.71 ? 4  DG  A "C1'" 1 
ATOM   69  N N9    . DG  A 1 4  ? 0.858   4.632   -8.001  1.00 15.72 ? 4  DG  A N9    1 
ATOM   70  C C8    . DG  A 1 4  ? 0.837   3.325   -8.373  1.00 18.39 ? 4  DG  A C8    1 
ATOM   71  N N7    . DG  A 1 4  ? -0.269  2.681   -8.098  1.00 18.86 ? 4  DG  A N7    1 
ATOM   72  C C5    . DG  A 1 4  ? -1.054  3.656   -7.521  1.00 16.43 ? 4  DG  A C5    1 
ATOM   73  C C6    . DG  A 1 4  ? -2.343  3.511   -7.016  1.00 17.11 ? 4  DG  A C6    1 
ATOM   74  O O6    . DG  A 1 4  ? -3.016  2.474   -7.032  1.00 19.57 ? 4  DG  A O6    1 
ATOM   75  N N1    . DG  A 1 4  ? -2.812  4.681   -6.478  1.00 13.51 ? 4  DG  A N1    1 
ATOM   76  C C2    . DG  A 1 4  ? -2.102  5.848   -6.459  1.00 13.47 ? 4  DG  A C2    1 
ATOM   77  N N2    . DG  A 1 4  ? -2.734  6.858   -5.893  1.00 15.01 ? 4  DG  A N2    1 
ATOM   78  N N3    . DG  A 1 4  ? -0.871  6.017   -6.928  1.00 14.81 ? 4  DG  A N3    1 
ATOM   79  C C4    . DG  A 1 4  ? -0.394  4.864   -7.452  1.00 16.01 ? 4  DG  A C4    1 
ATOM   80  P P     . DA  A 1 5  ? 5.316   7.040   -6.903  1.00 34.65 ? 5  DA  A P     1 
ATOM   81  O OP1   . DA  A 1 5  ? 6.303   8.140   -6.944  1.00 35.17 ? 5  DA  A OP1   1 
ATOM   82  O OP2   . DA  A 1 5  ? 5.687   5.708   -6.359  1.00 33.93 ? 5  DA  A OP2   1 
ATOM   83  O "O5'" . DA  A 1 5  ? 3.985   7.472   -6.098  1.00 32.10 ? 5  DA  A "O5'" 1 
ATOM   84  C "C5'" . DA  A 1 5  ? 3.360   8.739   -6.192  1.00 25.36 ? 5  DA  A "C5'" 1 
ATOM   85  C "C4'" . DA  A 1 5  ? 2.545   9.030   -4.975  1.00 19.53 ? 5  DA  A "C4'" 1 
ATOM   86  O "O4'" . DA  A 1 5  ? 1.532   8.058   -4.877  1.00 19.08 ? 5  DA  A "O4'" 1 
ATOM   87  C "C3'" . DA  A 1 5  ? 3.365   8.985   -3.740  1.00 19.37 ? 5  DA  A "C3'" 1 
ATOM   88  O "O3'" . DA  A 1 5  ? 2.903   9.927   -2.768  1.00 22.39 ? 5  DA  A "O3'" 1 
ATOM   89  C "C2'" . DA  A 1 5  ? 3.169   7.565   -3.322  1.00 17.84 ? 5  DA  A "C2'" 1 
ATOM   90  C "C1'" . DA  A 1 5  ? 1.746   7.277   -3.703  1.00 17.25 ? 5  DA  A "C1'" 1 
ATOM   91  N N9    . DA  A 1 5  ? 1.417   5.858   -3.982  1.00 11.07 ? 5  DA  A N9    1 
ATOM   92  C C8    . DA  A 1 5  ? 2.152   4.889   -4.636  1.00 9.88  ? 5  DA  A C8    1 
ATOM   93  N N7    . DA  A 1 5  ? 1.524   3.755   -4.761  1.00 8.70  ? 5  DA  A N7    1 
ATOM   94  C C5    . DA  A 1 5  ? 0.307   4.002   -4.151  1.00 5.47  ? 5  DA  A C5    1 
ATOM   95  C C6    . DA  A 1 5  ? -0.794  3.230   -3.966  1.00 4.19  ? 5  DA  A C6    1 
ATOM   96  N N6    . DA  A 1 5  ? -0.811  1.981   -4.364  1.00 7.66  ? 5  DA  A N6    1 
ATOM   97  N N1    . DA  A 1 5  ? -1.839  3.720   -3.331  1.00 7.38  ? 5  DA  A N1    1 
ATOM   98  C C2    . DA  A 1 5  ? -1.788  4.981   -2.945  1.00 7.82  ? 5  DA  A C2    1 
ATOM   99  N N3    . DA  A 1 5  ? -0.791  5.846   -3.071  1.00 10.01 ? 5  DA  A N3    1 
ATOM   100 C C4    . DA  A 1 5  ? 0.239   5.280   -3.675  1.00 7.50  ? 5  DA  A C4    1 
ATOM   101 P P     . DA  A 1 6  ? 3.680   10.186  -1.378  1.00 21.19 ? 6  DA  A P     1 
ATOM   102 O OP1   . DA  A 1 6  ? 3.616   11.589  -0.920  1.00 21.75 ? 6  DA  A OP1   1 
ATOM   103 O OP2   . DA  A 1 6  ? 5.011   9.512   -1.416  1.00 24.28 ? 6  DA  A OP2   1 
ATOM   104 O "O5'" . DA  A 1 6  ? 2.655   9.355   -0.539  1.00 19.80 ? 6  DA  A "O5'" 1 
ATOM   105 C "C5'" . DA  A 1 6  ? 1.350   9.871   -0.329  1.00 16.13 ? 6  DA  A "C5'" 1 
ATOM   106 C "C4'" . DA  A 1 6  ? 0.517   9.026   0.629   1.00 15.33 ? 6  DA  A "C4'" 1 
ATOM   107 O "O4'" . DA  A 1 6  ? 0.269   7.749   0.062   1.00 15.31 ? 6  DA  A "O4'" 1 
ATOM   108 C "C3'" . DA  A 1 6  ? 1.233   8.737   1.929   1.00 17.00 ? 6  DA  A "C3'" 1 
ATOM   109 O "O3'" . DA  A 1 6  ? 0.211   8.540   2.883   1.00 19.73 ? 6  DA  A "O3'" 1 
ATOM   110 C "C2'" . DA  A 1 6  ? 1.879   7.406   1.619   1.00 14.78 ? 6  DA  A "C2'" 1 
ATOM   111 C "C1'" . DA  A 1 6  ? 0.766   6.698   0.879   1.00 12.01 ? 6  DA  A "C1'" 1 
ATOM   112 N N9    . DA  A 1 6  ? 1.163   5.462   0.151   1.00 8.57  ? 6  DA  A N9    1 
ATOM   113 C C8    . DA  A 1 6  ? 2.338   5.120   -0.494  1.00 6.95  ? 6  DA  A C8    1 
ATOM   114 N N7    . DA  A 1 6  ? 2.341   3.922   -1.023  1.00 8.96  ? 6  DA  A N7    1 
ATOM   115 C C5    . DA  A 1 6  ? 1.063   3.448   -0.709  1.00 6.63  ? 6  DA  A C5    1 
ATOM   116 C C6    . DA  A 1 6  ? 0.441   2.255   -0.983  1.00 7.63  ? 6  DA  A C6    1 
ATOM   117 N N6    . DA  A 1 6  ? 1.082   1.277   -1.646  1.00 10.91 ? 6  DA  A N6    1 
ATOM   118 N N1    . DA  A 1 6  ? -0.823  2.101   -0.601  1.00 5.65  ? 6  DA  A N1    1 
ATOM   119 C C2    . DA  A 1 6  ? -1.423  3.053   0.087   1.00 8.24  ? 6  DA  A C2    1 
ATOM   120 N N3    . DA  A 1 6  ? -0.950  4.235   0.441   1.00 10.94 ? 6  DA  A N3    1 
ATOM   121 C C4    . DA  A 1 6  ? 0.333   4.375   -0.009  1.00 8.02  ? 6  DA  A C4    1 
HETATM 122 P P     . T32 A 1 7  ? 0.472   9.025   4.364   1.00 24.74 ? 7  T32 A P     1 
HETATM 123 O O1P   . T32 A 1 7  ? -0.476  10.145  4.594   1.00 22.85 ? 7  T32 A O1P   1 
HETATM 124 O O2P   . T32 A 1 7  ? 1.937   9.126   4.590   1.00 22.09 ? 7  T32 A O2P   1 
HETATM 125 O "O5'" . T32 A 1 7  ? -0.049  7.784   5.152   1.00 22.41 ? 7  T32 A "O5'" 1 
HETATM 126 C "C5'" . T32 A 1 7  ? -1.412  7.328   5.072   1.00 19.51 ? 7  T32 A "C5'" 1 
HETATM 127 C "C4'" . T32 A 1 7  ? -1.481  5.847   5.356   1.00 14.35 ? 7  T32 A "C4'" 1 
HETATM 128 C "C3'" . T32 A 1 7  ? -0.586  5.516   6.533   1.00 17.76 ? 7  T32 A "C3'" 1 
HETATM 129 O "O3'" . T32 A 1 7  ? -1.232  4.586   7.356   1.00 24.46 ? 7  T32 A "O3'" 1 
HETATM 130 C "C2'" . T32 A 1 7  ? 0.597   4.858   5.849   1.00 14.48 ? 7  T32 A "C2'" 1 
HETATM 131 C "C1'" . T32 A 1 7  ? -0.027  4.052   4.830   1.00 10.07 ? 7  T32 A "C1'" 1 
HETATM 132 N N1    . T32 A 1 7  ? 0.884   3.321   3.958   1.00 9.84  ? 7  T32 A N1    1 
HETATM 133 C C2    . T32 A 1 7  ? 0.382   2.166   3.426   1.00 11.57 ? 7  T32 A C2    1 
HETATM 134 O O2    . T32 A 1 7  ? -0.741  1.734   3.643   1.00 15.79 ? 7  T32 A O2    1 
HETATM 135 N N3    . T32 A 1 7  ? 1.183   1.457   2.594   1.00 13.08 ? 7  T32 A N3    1 
HETATM 136 C C4    . T32 A 1 7  ? 2.446   1.789   2.228   1.00 17.07 ? 7  T32 A C4    1 
HETATM 137 O O4    . T32 A 1 7  ? 3.088   1.089   1.441   1.00 20.75 ? 7  T32 A O4    1 
HETATM 138 C C5    . T32 A 1 7  ? 2.897   2.993   2.835   1.00 14.95 ? 7  T32 A C5    1 
HETATM 139 C C5M   . T32 A 1 7  ? 4.305   3.421   2.465   1.00 18.97 ? 7  T32 A C5M   1 
HETATM 140 C C6    . T32 A 1 7  ? 2.131   3.709   3.665   1.00 10.53 ? 7  T32 A C6    1 
HETATM 141 C "C'"  . T32 A 1 7  ? -0.987  5.023   4.209   1.00 11.47 ? 7  T32 A "C'"  1 
HETATM 142 C "CM'" . T32 A 1 7  ? -2.260  4.384   3.679   1.00 12.00 ? 7  T32 A "CM'" 1 
HETATM 143 P P     . T32 A 1 8  ? -1.750  4.984   8.788   1.00 29.57 ? 8  T32 A P     1 
HETATM 144 O O1P   . T32 A 1 8  ? -2.995  5.768   8.688   1.00 27.99 ? 8  T32 A O1P   1 
HETATM 145 O O2P   . T32 A 1 8  ? -0.613  5.393   9.647   1.00 29.81 ? 8  T32 A O2P   1 
HETATM 146 O "O5'" . T32 A 1 8  ? -2.103  3.474   9.196   1.00 28.61 ? 8  T32 A "O5'" 1 
HETATM 147 C "C5'" . T32 A 1 8  ? -3.280  2.736   8.895   1.00 26.81 ? 8  T32 A "C5'" 1 
HETATM 148 C "C4'" . T32 A 1 8  ? -2.980  1.243   8.948   1.00 25.92 ? 8  T32 A "C4'" 1 
HETATM 149 C "C3'" . T32 A 1 8  ? -2.128  0.819   10.190  1.00 27.05 ? 8  T32 A "C3'" 1 
HETATM 150 O "O3'" . T32 A 1 8  ? -2.237  -0.478  10.788  1.00 28.19 ? 8  T32 A "O3'" 1 
HETATM 151 C "C2'" . T32 A 1 8  ? -0.766  0.672   9.590   1.00 24.22 ? 8  T32 A "C2'" 1 
HETATM 152 C "C1'" . T32 A 1 8  ? -1.045  0.041   8.225   1.00 23.24 ? 8  T32 A "C1'" 1 
HETATM 153 N N1    . T32 A 1 8  ? 0.151   0.042   7.371   1.00 20.94 ? 8  T32 A N1    1 
HETATM 154 C C2    . T32 A 1 8  ? 0.364   -1.001  6.502   1.00 22.01 ? 8  T32 A C2    1 
HETATM 155 O O2    . T32 A 1 8  ? -0.377  -1.966  6.357   1.00 23.46 ? 8  T32 A O2    1 
HETATM 156 N N3    . T32 A 1 8  ? 1.506   -0.931  5.790   1.00 22.35 ? 8  T32 A N3    1 
HETATM 157 C C4    . T32 A 1 8  ? 2.438   0.051   5.859   1.00 20.22 ? 8  T32 A C4    1 
HETATM 158 O O4    . T32 A 1 8  ? 3.415   -0.001  5.138   1.00 21.89 ? 8  T32 A O4    1 
HETATM 159 C C5    . T32 A 1 8  ? 2.139   1.085   6.791   1.00 17.76 ? 8  T32 A C5    1 
HETATM 160 C C5M   . T32 A 1 8  ? 3.041   2.285   6.998   1.00 16.51 ? 8  T32 A C5M   1 
HETATM 161 C C6    . T32 A 1 8  ? 1.041   1.038   7.494   1.00 18.29 ? 8  T32 A C6    1 
HETATM 162 C "C'"  . T32 A 1 8  ? -2.125  0.972   7.750   1.00 23.37 ? 8  T32 A "C'"  1 
HETATM 163 C "CM'" . T32 A 1 8  ? -3.016  0.425   6.685   1.00 24.87 ? 8  T32 A "CM'" 1 
ATOM   164 P P     . DC  A 1 9  ? -3.419  -1.503  11.069  1.00 30.11 ? 9  DC  A P     1 
ATOM   165 O OP1   . DC  A 1 9  ? -4.770  -0.968  10.828  1.00 32.66 ? 9  DC  A OP1   1 
ATOM   166 O OP2   . DC  A 1 9  ? -3.102  -2.046  12.404  1.00 30.91 ? 9  DC  A OP2   1 
ATOM   167 O "O5'" . DC  A 1 9  ? -3.139  -2.597  9.948   1.00 29.20 ? 9  DC  A "O5'" 1 
ATOM   168 C "C5'" . DC  A 1 9  ? -4.087  -3.570  9.582   1.00 31.55 ? 9  DC  A "C5'" 1 
ATOM   169 C "C4'" . DC  A 1 9  ? -3.361  -4.837  9.151   1.00 34.87 ? 9  DC  A "C4'" 1 
ATOM   170 O "O4'" . DC  A 1 9  ? -2.400  -4.498  8.129   1.00 35.70 ? 9  DC  A "O4'" 1 
ATOM   171 C "C3'" . DC  A 1 9  ? -2.508  -5.402  10.290  1.00 38.05 ? 9  DC  A "C3'" 1 
ATOM   172 O "O3'" . DC  A 1 9  ? -3.137  -6.174  11.338  1.00 40.95 ? 9  DC  A "O3'" 1 
ATOM   173 C "C2'" . DC  A 1 9  ? -1.491  -6.137  9.505   1.00 37.34 ? 9  DC  A "C2'" 1 
ATOM   174 C "C1'" . DC  A 1 9  ? -1.204  -5.275  8.315   1.00 33.85 ? 9  DC  A "C1'" 1 
ATOM   175 N N1    . DC  A 1 9  ? 0.025   -4.473  8.482   1.00 29.81 ? 9  DC  A N1    1 
ATOM   176 C C2    . DC  A 1 9  ? 1.105   -4.811  7.722   1.00 28.98 ? 9  DC  A C2    1 
ATOM   177 O O2    . DC  A 1 9  ? 1.100   -5.772  6.960   1.00 31.46 ? 9  DC  A O2    1 
ATOM   178 N N3    . DC  A 1 9  ? 2.218   -4.069  7.812   1.00 27.79 ? 9  DC  A N3    1 
ATOM   179 C C4    . DC  A 1 9  ? 2.275   -3.033  8.634   1.00 26.92 ? 9  DC  A C4    1 
ATOM   180 N N4    . DC  A 1 9  ? 3.406   -2.335  8.694   1.00 26.70 ? 9  DC  A N4    1 
ATOM   181 C C5    . DC  A 1 9  ? 1.183   -2.689  9.461   1.00 27.66 ? 9  DC  A C5    1 
ATOM   182 C C6    . DC  A 1 9  ? 0.073   -3.429  9.334   1.00 28.47 ? 9  DC  A C6    1 
ATOM   183 P P     . DG  A 1 10 ? -3.712  -7.665  11.225  1.00 43.71 ? 10 DG  A P     1 
ATOM   184 O OP1   . DG  A 1 10 ? -4.363  -7.803  9.898   1.00 43.37 ? 10 DG  A OP1   1 
ATOM   185 O OP2   . DG  A 1 10 ? -4.442  -7.943  12.465  1.00 44.71 ? 10 DG  A OP2   1 
ATOM   186 O "O5'" . DG  A 1 10 ? -2.407  -8.548  11.246  1.00 43.25 ? 10 DG  A "O5'" 1 
ATOM   187 C "C5'" . DG  A 1 10 ? -2.337  -9.523  10.207  1.00 41.17 ? 10 DG  A "C5'" 1 
ATOM   188 C "C4'" . DG  A 1 10 ? -0.938  -10.024 9.921   1.00 37.58 ? 10 DG  A "C4'" 1 
ATOM   189 O "O4'" . DG  A 1 10 ? -0.044  -8.974  9.510   1.00 36.45 ? 10 DG  A "O4'" 1 
ATOM   190 C "C3'" . DG  A 1 10 ? -0.345  -10.691 11.138  1.00 36.63 ? 10 DG  A "C3'" 1 
ATOM   191 O "O3'" . DG  A 1 10 ? 0.523   -11.672 10.616  1.00 38.80 ? 10 DG  A "O3'" 1 
ATOM   192 C "C2'" . DG  A 1 10 ? 0.487   -9.596  11.699  1.00 33.21 ? 10 DG  A "C2'" 1 
ATOM   193 C "C1'" . DG  A 1 10 ? 1.020   -8.950  10.444  1.00 29.34 ? 10 DG  A "C1'" 1 
ATOM   194 N N9    . DG  A 1 10 ? 1.577   -7.659  10.762  1.00 23.22 ? 10 DG  A N9    1 
ATOM   195 C C8    . DG  A 1 10 ? 1.199   -6.711  11.681  1.00 22.99 ? 10 DG  A C8    1 
ATOM   196 N N7    . DG  A 1 10 ? 2.004   -5.710  11.805  1.00 19.93 ? 10 DG  A N7    1 
ATOM   197 C C5    . DG  A 1 10 ? 2.984   -6.042  10.908  1.00 18.62 ? 10 DG  A C5    1 
ATOM   198 C C6    . DG  A 1 10 ? 4.103   -5.347  10.598  1.00 19.73 ? 10 DG  A C6    1 
ATOM   199 O O6    . DG  A 1 10 ? 4.403   -4.255  11.071  1.00 23.83 ? 10 DG  A O6    1 
ATOM   200 N N1    . DG  A 1 10 ? 4.871   -5.985  9.625   1.00 18.82 ? 10 DG  A N1    1 
ATOM   201 C C2    . DG  A 1 10 ? 4.576   -7.184  9.035   1.00 15.59 ? 10 DG  A C2    1 
ATOM   202 N N2    . DG  A 1 10 ? 5.417   -7.668  8.156   1.00 11.24 ? 10 DG  A N2    1 
ATOM   203 N N3    . DG  A 1 10 ? 3.480   -7.847  9.315   1.00 19.09 ? 10 DG  A N3    1 
ATOM   204 C C4    . DG  A 1 10 ? 2.733   -7.217  10.253  1.00 20.68 ? 10 DG  A C4    1 
ATOM   205 P P     . DC  A 1 11 ? 0.221   -13.216 10.740  1.00 40.33 ? 11 DC  A P     1 
ATOM   206 O OP1   . DC  A 1 11 ? -0.959  -13.612 9.931   1.00 40.00 ? 11 DC  A OP1   1 
ATOM   207 O OP2   . DC  A 1 11 ? 0.376   -13.572 12.176  1.00 36.83 ? 11 DC  A OP2   1 
ATOM   208 O "O5'" . DC  A 1 11 ? 1.506   -13.627 9.938   1.00 39.45 ? 11 DC  A "O5'" 1 
ATOM   209 C "C5'" . DC  A 1 11 ? 1.501   -13.271 8.555   1.00 40.41 ? 11 DC  A "C5'" 1 
ATOM   210 C "C4'" . DC  A 1 11 ? 2.886   -13.136 7.967   1.00 40.42 ? 11 DC  A "C4'" 1 
ATOM   211 O "O4'" . DC  A 1 11 ? 3.631   -11.988 8.441   1.00 39.98 ? 11 DC  A "O4'" 1 
ATOM   212 C "C3'" . DC  A 1 11 ? 3.614   -14.375 8.389   1.00 39.21 ? 11 DC  A "C3'" 1 
ATOM   213 O "O3'" . DC  A 1 11 ? 4.314   -14.744 7.222   1.00 38.24 ? 11 DC  A "O3'" 1 
ATOM   214 C "C2'" . DC  A 1 11 ? 4.400   -13.855 9.613   1.00 38.95 ? 11 DC  A "C2'" 1 
ATOM   215 C "C1'" . DC  A 1 11 ? 4.715   -12.378 9.318   1.00 37.67 ? 11 DC  A "C1'" 1 
ATOM   216 N N1    . DC  A 1 11 ? 4.765   -11.452 10.485  1.00 33.80 ? 11 DC  A N1    1 
ATOM   217 C C2    . DC  A 1 11 ? 5.645   -10.372 10.474  1.00 31.92 ? 11 DC  A C2    1 
ATOM   218 O O2    . DC  A 1 11 ? 6.456   -10.153 9.592   1.00 32.09 ? 11 DC  A O2    1 
ATOM   219 N N3    . DC  A 1 11 ? 5.644   -9.501  11.489  1.00 32.44 ? 11 DC  A N3    1 
ATOM   220 C C4    . DC  A 1 11 ? 4.808   -9.676  12.521  1.00 34.59 ? 11 DC  A C4    1 
ATOM   221 N N4    . DC  A 1 11 ? 4.866   -8.819  13.526  1.00 34.86 ? 11 DC  A N4    1 
ATOM   222 C C5    . DC  A 1 11 ? 3.889   -10.774 12.567  1.00 34.77 ? 11 DC  A C5    1 
ATOM   223 C C6    . DC  A 1 11 ? 3.906   -11.627 11.520  1.00 35.56 ? 11 DC  A C6    1 
ATOM   224 P P     . DG  A 1 12 ? 5.332   -15.938 7.250   1.00 40.30 ? 12 DG  A P     1 
ATOM   225 O OP1   . DG  A 1 12 ? 5.568   -16.428 5.858   1.00 37.82 ? 12 DG  A OP1   1 
ATOM   226 O OP2   . DG  A 1 12 ? 4.900   -16.864 8.311   1.00 41.16 ? 12 DG  A OP2   1 
ATOM   227 O "O5'" . DG  A 1 12 ? 6.688   -15.298 7.826   1.00 37.77 ? 12 DG  A "O5'" 1 
ATOM   228 C "C5'" . DG  A 1 12 ? 7.759   -14.824 7.017   1.00 31.94 ? 12 DG  A "C5'" 1 
ATOM   229 C "C4'" . DG  A 1 12 ? 8.913   -14.529 7.904   1.00 27.45 ? 12 DG  A "C4'" 1 
ATOM   230 O "O4'" . DG  A 1 12 ? 8.478   -13.627 8.893   1.00 24.50 ? 12 DG  A "O4'" 1 
ATOM   231 C "C3'" . DG  A 1 12 ? 9.287   -15.784 8.638   1.00 26.06 ? 12 DG  A "C3'" 1 
ATOM   232 O "O3'" . DG  A 1 12 ? 10.519  -16.248 8.154   1.00 30.21 ? 12 DG  A "O3'" 1 
ATOM   233 C "C2'" . DG  A 1 12 ? 9.371   -15.409 10.062  1.00 23.88 ? 12 DG  A "C2'" 1 
ATOM   234 C "C1'" . DG  A 1 12 ? 9.216   -13.915 10.061  1.00 22.61 ? 12 DG  A "C1'" 1 
ATOM   235 N N9    . DG  A 1 12 ? 8.492   -13.448 11.236  1.00 18.96 ? 12 DG  A N9    1 
ATOM   236 C C8    . DG  A 1 12 ? 7.411   -14.000 11.866  1.00 16.72 ? 12 DG  A C8    1 
ATOM   237 N N7    . DG  A 1 12 ? 6.976   -13.317 12.863  1.00 15.05 ? 12 DG  A N7    1 
ATOM   238 C C5    . DG  A 1 12 ? 7.859   -12.240 12.908  1.00 17.55 ? 12 DG  A C5    1 
ATOM   239 C C6    . DG  A 1 12 ? 7.903   -11.162 13.796  1.00 20.69 ? 12 DG  A C6    1 
ATOM   240 O O6    . DG  A 1 12 ? 7.183   -10.974 14.781  1.00 26.42 ? 12 DG  A O6    1 
ATOM   241 N N1    . DG  A 1 12 ? 8.885   -10.250 13.471  1.00 18.78 ? 12 DG  A N1    1 
ATOM   242 C C2    . DG  A 1 12 ? 9.768   -10.361 12.451  1.00 18.03 ? 12 DG  A C2    1 
ATOM   243 N N2    . DG  A 1 12 ? 10.661  -9.383  12.325  1.00 20.52 ? 12 DG  A N2    1 
ATOM   244 N N3    . DG  A 1 12 ? 9.759   -11.395 11.615  1.00 19.69 ? 12 DG  A N3    1 
ATOM   245 C C4    . DG  A 1 12 ? 8.779   -12.296 11.912  1.00 18.43 ? 12 DG  A C4    1 
ATOM   246 O "O5'" . DC  B 1 1  ? 11.425  -5.864  19.283  1.00 45.90 ? 13 DC  B "O5'" 1 
ATOM   247 C "C5'" . DC  B 1 1  ? 11.190  -4.535  18.747  1.00 43.59 ? 13 DC  B "C5'" 1 
ATOM   248 C "C4'" . DC  B 1 1  ? 11.799  -4.338  17.326  1.00 40.51 ? 13 DC  B "C4'" 1 
ATOM   249 O "O4'" . DC  B 1 1  ? 11.384  -5.451  16.538  1.00 38.97 ? 13 DC  B "O4'" 1 
ATOM   250 C "C3'" . DC  B 1 1  ? 11.316  -3.129  16.513  1.00 39.83 ? 13 DC  B "C3'" 1 
ATOM   251 O "O3'" . DC  B 1 1  ? 12.181  -3.024  15.380  1.00 37.87 ? 13 DC  B "O3'" 1 
ATOM   252 C "C2'" . DC  B 1 1  ? 9.988   -3.676  16.028  1.00 37.98 ? 13 DC  B "C2'" 1 
ATOM   253 C "C1'" . DC  B 1 1  ? 10.351  -5.098  15.650  1.00 36.59 ? 13 DC  B "C1'" 1 
ATOM   254 N N1    . DC  B 1 1  ? 9.352   -6.120  15.901  1.00 35.34 ? 13 DC  B N1    1 
ATOM   255 C C2    . DC  B 1 1  ? 9.464   -7.303  15.227  1.00 35.90 ? 13 DC  B C2    1 
ATOM   256 O O2    . DC  B 1 1  ? 10.374  -7.555  14.435  1.00 33.57 ? 13 DC  B O2    1 
ATOM   257 N N3    . DC  B 1 1  ? 8.508   -8.231  15.443  1.00 36.28 ? 13 DC  B N3    1 
ATOM   258 C C4    . DC  B 1 1  ? 7.511   -8.050  16.286  1.00 35.40 ? 13 DC  B C4    1 
ATOM   259 N N4    . DC  B 1 1  ? 6.649   -9.016  16.465  1.00 36.54 ? 13 DC  B N4    1 
ATOM   260 C C5    . DC  B 1 1  ? 7.377   -6.844  16.986  1.00 37.38 ? 13 DC  B C5    1 
ATOM   261 C C6    . DC  B 1 1  ? 8.325   -5.913  16.760  1.00 38.64 ? 13 DC  B C6    1 
ATOM   262 P P     . DG  B 1 2  ? 12.605  -1.693  14.548  1.00 38.65 ? 14 DG  B P     1 
ATOM   263 O OP1   . DG  B 1 2  ? 13.890  -1.174  15.122  1.00 36.62 ? 14 DG  B OP1   1 
ATOM   264 O OP2   . DG  B 1 2  ? 11.400  -0.837  14.329  1.00 35.16 ? 14 DG  B OP2   1 
ATOM   265 O "O5'" . DG  B 1 2  ? 12.976  -2.286  13.157  1.00 33.25 ? 14 DG  B "O5'" 1 
ATOM   266 C "C5'" . DG  B 1 2  ? 14.028  -3.207  12.963  1.00 26.08 ? 14 DG  B "C5'" 1 
ATOM   267 C "C4'" . DG  B 1 2  ? 13.756  -3.938  11.666  1.00 22.85 ? 14 DG  B "C4'" 1 
ATOM   268 O "O4'" . DG  B 1 2  ? 12.674  -4.852  11.852  1.00 19.19 ? 14 DG  B "O4'" 1 
ATOM   269 C "C3'" . DG  B 1 2  ? 13.350  -2.904  10.559  1.00 20.77 ? 14 DG  B "C3'" 1 
ATOM   270 O "O3'" . DG  B 1 2  ? 13.807  -3.322  9.285   1.00 20.22 ? 14 DG  B "O3'" 1 
ATOM   271 C "C2'" . DG  B 1 2  ? 11.879  -3.057  10.586  1.00 18.15 ? 14 DG  B "C2'" 1 
ATOM   272 C "C1'" . DG  B 1 2  ? 11.714  -4.533  10.844  1.00 16.39 ? 14 DG  B "C1'" 1 
ATOM   273 N N9    . DG  B 1 2  ? 10.410  -4.764  11.360  1.00 12.00 ? 14 DG  B N9    1 
ATOM   274 C C8    . DG  B 1 2  ? 9.721   -4.040  12.254  1.00 10.30 ? 14 DG  B C8    1 
ATOM   275 N N7    . DG  B 1 2  ? 8.569   -4.539  12.549  1.00 13.05 ? 14 DG  B N7    1 
ATOM   276 C C5    . DG  B 1 2  ? 8.529   -5.699  11.800  1.00 11.52 ? 14 DG  B C5    1 
ATOM   277 C C6    . DG  B 1 2  ? 7.525   -6.644  11.709  1.00 14.04 ? 14 DG  B C6    1 
ATOM   278 O O6    . DG  B 1 2  ? 6.434   -6.644  12.277  1.00 17.60 ? 14 DG  B O6    1 
ATOM   279 N N1    . DG  B 1 2  ? 7.858   -7.663  10.853  1.00 15.25 ? 14 DG  B N1    1 
ATOM   280 C C2    . DG  B 1 2  ? 9.030   -7.755  10.163  1.00 16.21 ? 14 DG  B C2    1 
ATOM   281 N N2    . DG  B 1 2  ? 9.187   -8.793  9.369   1.00 19.66 ? 14 DG  B N2    1 
ATOM   282 N N3    . DG  B 1 2  ? 9.985   -6.844  10.235  1.00 14.87 ? 14 DG  B N3    1 
ATOM   283 C C4    . DG  B 1 2  ? 9.654   -5.843  11.072  1.00 12.86 ? 14 DG  B C4    1 
ATOM   284 P P     . DC  B 1 3  ? 13.825  -2.354  8.070   1.00 19.48 ? 15 DC  B P     1 
ATOM   285 O OP1   . DC  B 1 3  ? 15.241  -2.300  7.646   1.00 21.64 ? 15 DC  B OP1   1 
ATOM   286 O OP2   . DC  B 1 3  ? 13.031  -1.154  8.332   1.00 19.36 ? 15 DC  B OP2   1 
ATOM   287 O "O5'" . DC  B 1 3  ? 13.020  -3.122  6.990   1.00 22.42 ? 15 DC  B "O5'" 1 
ATOM   288 C "C5'" . DC  B 1 3  ? 13.470  -4.414  6.571   1.00 21.03 ? 15 DC  B "C5'" 1 
ATOM   289 C "C4'" . DC  B 1 3  ? 12.287  -5.290  6.262   1.00 18.86 ? 15 DC  B "C4'" 1 
ATOM   290 O "O4'" . DC  B 1 3  ? 11.393  -5.152  7.319   1.00 18.73 ? 15 DC  B "O4'" 1 
ATOM   291 C "C3'" . DC  B 1 3  ? 11.494  -4.821  5.106   1.00 18.92 ? 15 DC  B "C3'" 1 
ATOM   292 O "O3'" . DC  B 1 3  ? 12.100  -5.370  3.994   1.00 19.82 ? 15 DC  B "O3'" 1 
ATOM   293 C "C2'" . DC  B 1 3  ? 10.183  -5.444  5.333   1.00 19.34 ? 15 DC  B "C2'" 1 
ATOM   294 C "C1'" . DC  B 1 3  ? 10.113  -5.534  6.801   1.00 18.11 ? 15 DC  B "C1'" 1 
ATOM   295 N N1    . DC  B 1 3  ? 9.097   -4.753  7.468   1.00 13.51 ? 15 DC  B N1    1 
ATOM   296 C C2    . DC  B 1 3  ? 7.958   -5.369  7.843   1.00 15.78 ? 15 DC  B C2    1 
ATOM   297 O O2    . DC  B 1 3  ? 7.690   -6.528  7.550   1.00 16.25 ? 15 DC  B O2    1 
ATOM   298 N N3    . DC  B 1 3  ? 7.072   -4.698  8.586   1.00 16.25 ? 15 DC  B N3    1 
ATOM   299 C C4    . DC  B 1 3  ? 7.307   -3.461  8.974   1.00 15.84 ? 15 DC  B C4    1 
ATOM   300 N N4    . DC  B 1 3  ? 6.370   -2.826  9.676   1.00 18.77 ? 15 DC  B N4    1 
ATOM   301 C C5    . DC  B 1 3  ? 8.507   -2.814  8.611   1.00 14.59 ? 15 DC  B C5    1 
ATOM   302 C C6    . DC  B 1 3  ? 9.363   -3.509  7.848   1.00 13.86 ? 15 DC  B C6    1 
ATOM   303 P P     . DG  B 1 4  ? 11.677  -4.951  2.540   1.00 24.01 ? 16 DG  B P     1 
ATOM   304 O OP1   . DG  B 1 4  ? 12.646  -5.507  1.585   1.00 23.43 ? 16 DG  B OP1   1 
ATOM   305 O OP2   . DG  B 1 4  ? 11.329  -3.520  2.461   1.00 22.27 ? 16 DG  B OP2   1 
ATOM   306 O "O5'" . DG  B 1 4  ? 10.368  -5.841  2.459   1.00 21.14 ? 16 DG  B "O5'" 1 
ATOM   307 C "C5'" . DG  B 1 4  ? 10.442  -7.220  2.173   1.00 19.06 ? 16 DG  B "C5'" 1 
ATOM   308 C "C4'" . DG  B 1 4  ? 9.057   -7.739  1.940   1.00 18.91 ? 16 DG  B "C4'" 1 
ATOM   309 O "O4'" . DG  B 1 4  ? 8.283   -7.184  2.999   1.00 19.08 ? 16 DG  B "O4'" 1 
ATOM   310 C "C3'" . DG  B 1 4  ? 8.396   -7.311  0.634   1.00 19.29 ? 16 DG  B "C3'" 1 
ATOM   311 O "O3'" . DG  B 1 4  ? 7.574   -8.415  0.281   1.00 23.34 ? 16 DG  B "O3'" 1 
ATOM   312 C "C2'" . DG  B 1 4  ? 7.582   -6.116  1.056   1.00 18.62 ? 16 DG  B "C2'" 1 
ATOM   313 C "C1'" . DG  B 1 4  ? 7.171   -6.470  2.469   1.00 15.40 ? 16 DG  B "C1'" 1 
ATOM   314 N N9    . DG  B 1 4  ? 6.948   -5.325  3.338   1.00 10.81 ? 16 DG  B N9    1 
ATOM   315 C C8    . DG  B 1 4  ? 7.614   -4.139  3.440   1.00 10.01 ? 16 DG  B C8    1 
ATOM   316 N N7    . DG  B 1 4  ? 7.157   -3.365  4.397   1.00 9.76  ? 16 DG  B N7    1 
ATOM   317 C C5    . DG  B 1 4  ? 6.119   -4.105  4.941   1.00 7.80  ? 16 DG  B C5    1 
ATOM   318 C C6    . DG  B 1 4  ? 5.218   -3.783  5.976   1.00 10.99 ? 16 DG  B C6    1 
ATOM   319 O O6    . DG  B 1 4  ? 5.125   -2.762  6.667   1.00 13.47 ? 16 DG  B O6    1 
ATOM   320 N N1    . DG  B 1 4  ? 4.330   -4.814  6.190   1.00 9.86  ? 16 DG  B N1    1 
ATOM   321 C C2    . DG  B 1 4  ? 4.304   -5.990  5.505   1.00 10.48 ? 16 DG  B C2    1 
ATOM   322 N N2    . DG  B 1 4  ? 3.372   -6.853  5.860   1.00 14.49 ? 16 DG  B N2    1 
ATOM   323 N N3    . DG  B 1 4  ? 5.126   -6.281  4.527   1.00 8.41  ? 16 DG  B N3    1 
ATOM   324 C C4    . DG  B 1 4  ? 5.998   -5.290  4.295   1.00 9.57  ? 16 DG  B C4    1 
ATOM   325 P P     . DA  B 1 5  ? 6.661   -8.520  -1.017  1.00 24.47 ? 17 DA  B P     1 
ATOM   326 O OP1   . DA  B 1 5  ? 6.640   -9.886  -1.557  1.00 24.90 ? 17 DA  B OP1   1 
ATOM   327 O OP2   . DA  B 1 5  ? 7.005   -7.412  -1.920  1.00 28.57 ? 17 DA  B OP2   1 
ATOM   328 O "O5'" . DA  B 1 5  ? 5.302   -8.291  -0.257  1.00 26.82 ? 17 DA  B "O5'" 1 
ATOM   329 C "C5'" . DA  B 1 5  ? 4.916   -9.439  0.477   1.00 26.36 ? 17 DA  B "C5'" 1 
ATOM   330 C "C4'" . DA  B 1 5  ? 3.541   -9.351  1.066   1.00 27.74 ? 17 DA  B "C4'" 1 
ATOM   331 O "O4'" . DA  B 1 5  ? 3.367   -8.335  2.066   1.00 27.35 ? 17 DA  B "O4'" 1 
ATOM   332 C "C3'" . DA  B 1 5  ? 2.526   -9.078  -0.006  1.00 29.95 ? 17 DA  B "C3'" 1 
ATOM   333 O "O3'" . DA  B 1 5  ? 1.380   -9.776  0.493   1.00 34.04 ? 17 DA  B "O3'" 1 
ATOM   334 C "C2'" . DA  B 1 5  ? 2.417   -7.572  0.127   1.00 27.71 ? 17 DA  B "C2'" 1 
ATOM   335 C "C1'" . DA  B 1 5  ? 2.483   -7.320  1.611   1.00 21.87 ? 17 DA  B "C1'" 1 
ATOM   336 N N9    . DA  B 1 5  ? 3.014   -5.974  1.818   1.00 17.07 ? 17 DA  B N9    1 
ATOM   337 C C8    . DA  B 1 5  ? 4.027   -5.325  1.118   1.00 13.65 ? 17 DA  B C8    1 
ATOM   338 N N7    . DA  B 1 5  ? 4.252   -4.117  1.553   1.00 12.58 ? 17 DA  B N7    1 
ATOM   339 C C5    . DA  B 1 5  ? 3.340   -3.961  2.593   1.00 9.78  ? 17 DA  B C5    1 
ATOM   340 C C6    . DA  B 1 5  ? 3.094   -2.894  3.440   1.00 11.64 ? 17 DA  B C6    1 
ATOM   341 N N6    . DA  B 1 5  ? 3.785   -1.786  3.313   1.00 13.34 ? 17 DA  B N6    1 
ATOM   342 N N1    . DA  B 1 5  ? 2.120   -2.990  4.364   1.00 10.07 ? 17 DA  B N1    1 
ATOM   343 C C2    . DA  B 1 5  ? 1.470   -4.143  4.452   1.00 12.27 ? 17 DA  B C2    1 
ATOM   344 N N3    . DA  B 1 5  ? 1.634   -5.251  3.734   1.00 14.22 ? 17 DA  B N3    1 
ATOM   345 C C4    . DA  B 1 5  ? 2.595   -5.077  2.781   1.00 12.82 ? 17 DA  B C4    1 
ATOM   346 P P     . DA  B 1 6  ? 0.149   -10.166 -0.408  1.00 35.06 ? 18 DA  B P     1 
ATOM   347 O OP1   . DA  B 1 6  ? -0.464  -11.366 0.199   1.00 36.00 ? 18 DA  B OP1   1 
ATOM   348 O OP2   . DA  B 1 6  ? 0.548   -10.148 -1.838  1.00 34.17 ? 18 DA  B OP2   1 
ATOM   349 O "O5'" . DA  B 1 6  ? -0.699  -8.887  0.048   1.00 31.83 ? 18 DA  B "O5'" 1 
ATOM   350 C "C5'" . DA  B 1 6  ? -1.154  -8.974  1.385   1.00 29.89 ? 18 DA  B "C5'" 1 
ATOM   351 C "C4'" . DA  B 1 6  ? -2.096  -7.901  1.815   1.00 29.64 ? 18 DA  B "C4'" 1 
ATOM   352 O "O4'" . DA  B 1 6  ? -1.494  -6.664  2.133   1.00 27.88 ? 18 DA  B "O4'" 1 
ATOM   353 C "C3'" . DA  B 1 6  ? -3.115  -7.649  0.756   1.00 31.48 ? 18 DA  B "C3'" 1 
ATOM   354 O "O3'" . DA  B 1 6  ? -4.321  -7.387  1.467   1.00 36.85 ? 18 DA  B "O3'" 1 
ATOM   355 C "C2'" . DA  B 1 6  ? -2.543  -6.396  0.161   1.00 28.86 ? 18 DA  B "C2'" 1 
ATOM   356 C "C1'" . DA  B 1 6  ? -2.060  -5.611  1.369   1.00 24.18 ? 18 DA  B "C1'" 1 
ATOM   357 N N9    . DA  B 1 6  ? -1.014  -4.681  0.954   1.00 19.14 ? 18 DA  B N9    1 
ATOM   358 C C8    . DA  B 1 6  ? -0.119  -4.833  -0.080  1.00 17.38 ? 18 DA  B C8    1 
ATOM   359 N N7    . DA  B 1 6  ? 0.693   -3.817  -0.219  1.00 17.08 ? 18 DA  B N7    1 
ATOM   360 C C5    . DA  B 1 6  ? 0.336   -2.965  0.821   1.00 13.61 ? 18 DA  B C5    1 
ATOM   361 C C6    . DA  B 1 6  ? 0.841   -1.745  1.202   1.00 11.43 ? 18 DA  B C6    1 
ATOM   362 N N6    . DA  B 1 6  ? 1.863   -1.183  0.570   1.00 6.81  ? 18 DA  B N6    1 
ATOM   363 N N1    . DA  B 1 6  ? 0.271   -1.130  2.222   1.00 11.50 ? 18 DA  B N1    1 
ATOM   364 C C2    . DA  B 1 6  ? -0.738  -1.728  2.822   1.00 16.68 ? 18 DA  B C2    1 
ATOM   365 N N3    . DA  B 1 6  ? -1.305  -2.915  2.581   1.00 19.15 ? 18 DA  B N3    1 
ATOM   366 C C4    . DA  B 1 6  ? -0.702  -3.482  1.532   1.00 15.40 ? 18 DA  B C4    1 
HETATM 367 P P     . T32 B 1 7  ? -5.725  -7.271  0.729   1.00 40.79 ? 19 T32 B P     1 
HETATM 368 O O1P   . T32 B 1 7  ? -6.708  -7.970  1.603   1.00 42.73 ? 19 T32 B O1P   1 
HETATM 369 O O2P   . T32 B 1 7  ? -5.563  -7.683  -0.703  1.00 40.86 ? 19 T32 B O2P   1 
HETATM 370 O "O5'" . T32 B 1 7  ? -6.031  -5.673  0.717   1.00 38.52 ? 19 T32 B "O5'" 1 
HETATM 371 C "C5'" . T32 B 1 7  ? -6.430  -4.908  1.872   1.00 34.53 ? 19 T32 B "C5'" 1 
HETATM 372 C "C4'" . T32 B 1 7  ? -6.382  -3.357  1.676   1.00 30.37 ? 19 T32 B "C4'" 1 
HETATM 373 C "C3'" . T32 B 1 7  ? -7.103  -3.030  0.375   1.00 29.01 ? 19 T32 B "C3'" 1 
HETATM 374 O "O3'" . T32 B 1 7  ? -7.825  -1.840  0.475   1.00 31.36 ? 19 T32 B "O3'" 1 
HETATM 375 C "C2'" . T32 B 1 7  ? -5.999  -2.718  -0.565  1.00 25.65 ? 19 T32 B "C2'" 1 
HETATM 376 C "C1'" . T32 B 1 7  ? -5.016  -1.923  0.256   1.00 22.71 ? 19 T32 B "C1'" 1 
HETATM 377 N N1    . T32 B 1 7  ? -3.743  -1.743  -0.464  1.00 17.21 ? 19 T32 B N1    1 
HETATM 378 C C2    . T32 B 1 7  ? -3.103  -0.574  -0.297  1.00 13.81 ? 19 T32 B C2    1 
HETATM 379 O O2    . T32 B 1 7  ? -3.503  0.319   0.442   1.00 17.71 ? 19 T32 B O2    1 
HETATM 380 N N3    . T32 B 1 7  ? -1.977  -0.436  -1.010  1.00 13.13 ? 19 T32 B N3    1 
HETATM 381 C C4    . T32 B 1 7  ? -1.430  -1.345  -1.860  1.00 15.07 ? 19 T32 B C4    1 
HETATM 382 O O4    . T32 B 1 7  ? -0.385  -1.067  -2.432  1.00 19.52 ? 19 T32 B O4    1 
HETATM 383 C C5    . T32 B 1 7  ? -2.158  -2.541  -1.991  1.00 12.98 ? 19 T32 B C5    1 
HETATM 384 C C5M   . T32 B 1 7  ? -1.715  -3.668  -2.900  1.00 14.64 ? 19 T32 B C5M   1 
HETATM 385 C C6    . T32 B 1 7  ? -3.275  -2.684  -1.316  1.00 15.13 ? 19 T32 B C6    1 
HETATM 386 C "C'"  . T32 B 1 7  ? -4.966  -2.714  1.536   1.00 26.46 ? 19 T32 B "C'"  1 
HETATM 387 C "CM'" . T32 B 1 7  ? -4.705  -1.734  2.654   1.00 28.47 ? 19 T32 B "CM'" 1 
HETATM 388 P P     . T32 B 1 8  ? -9.369  -1.941  0.648   1.00 34.10 ? 20 T32 B P     1 
HETATM 389 O O1P   . T32 B 1 8  ? -9.588  -2.330  2.056   1.00 35.33 ? 20 T32 B O1P   1 
HETATM 390 O O2P   . T32 B 1 8  ? -9.944  -2.692  -0.492  1.00 31.40 ? 20 T32 B O2P   1 
HETATM 391 O "O5'" . T32 B 1 8  ? -9.692  -0.427  0.465   1.00 34.66 ? 20 T32 B "O5'" 1 
HETATM 392 C "C5'" . T32 B 1 8  ? -9.466  0.520   1.501   1.00 34.95 ? 20 T32 B "C5'" 1 
HETATM 393 C "C4'" . T32 B 1 8  ? -8.911  1.808   0.960   1.00 31.41 ? 20 T32 B "C4'" 1 
HETATM 394 C "C3'" . T32 B 1 8  ? -9.740  2.284   -0.208  1.00 31.70 ? 20 T32 B "C3'" 1 
HETATM 395 O "O3'" . T32 B 1 8  ? -10.406 3.431   0.295   1.00 35.98 ? 20 T32 B "O3'" 1 
HETATM 396 C "C2'" . T32 B 1 8  ? -8.696  2.507   -1.266  1.00 30.46 ? 20 T32 B "C2'" 1 
HETATM 397 C "C1'" . T32 B 1 8  ? -7.277  2.502   -0.644  1.00 28.06 ? 20 T32 B "C1'" 1 
HETATM 398 N N1    . T32 B 1 8  ? -6.274  1.899   -1.567  1.00 21.38 ? 20 T32 B N1    1 
HETATM 399 C C2    . T32 B 1 8  ? -5.076  2.534   -1.790  1.00 19.17 ? 20 T32 B C2    1 
HETATM 400 O O2    . T32 B 1 8  ? -4.742  3.598   -1.290  1.00 19.48 ? 20 T32 B O2    1 
HETATM 401 N N3    . T32 B 1 8  ? -4.251  1.901   -2.675  1.00 17.39 ? 20 T32 B N3    1 
HETATM 402 C C4    . T32 B 1 8  ? -4.514  0.740   -3.343  1.00 15.24 ? 20 T32 B C4    1 
HETATM 403 O O4    . T32 B 1 8  ? -3.730  0.253   -4.131  1.00 18.40 ? 20 T32 B O4    1 
HETATM 404 C C5    . T32 B 1 8  ? -5.757  0.175   -3.055  1.00 16.12 ? 20 T32 B C5    1 
HETATM 405 C C5M   . T32 B 1 8  ? -6.131  -1.122  -3.736  1.00 18.53 ? 20 T32 B C5M   1 
HETATM 406 C C6    . T32 B 1 8  ? -6.586  0.750   -2.203  1.00 18.22 ? 20 T32 B C6    1 
HETATM 407 C "C'"  . T32 B 1 8  ? -7.453  1.668   0.581   1.00 29.47 ? 20 T32 B "C'"  1 
HETATM 408 C "CM'" . T32 B 1 8  ? -6.578  2.269   1.670   1.00 30.96 ? 20 T32 B "CM'" 1 
ATOM   409 P P     . DC  B 1 9  ? -10.720 4.825   -0.414  1.00 37.64 ? 21 DC  B P     1 
ATOM   410 O OP1   . DC  B 1 9  ? -11.250 5.721   0.641   1.00 39.03 ? 21 DC  B OP1   1 
ATOM   411 O OP2   . DC  B 1 9  ? -11.491 4.561   -1.661  1.00 37.94 ? 21 DC  B OP2   1 
ATOM   412 O "O5'" . DC  B 1 9  ? -9.305  5.422   -0.763  1.00 38.42 ? 21 DC  B "O5'" 1 
ATOM   413 C "C5'" . DC  B 1 9  ? -8.624  6.229   0.190   1.00 36.81 ? 21 DC  B "C5'" 1 
ATOM   414 C "C4'" . DC  B 1 9  ? -7.872  7.333   -0.502  1.00 36.13 ? 21 DC  B "C4'" 1 
ATOM   415 O "O4'" . DC  B 1 9  ? -6.890  6.727   -1.354  1.00 34.26 ? 21 DC  B "O4'" 1 
ATOM   416 C "C3'" . DC  B 1 9  ? -8.784  8.208   -1.365  1.00 36.16 ? 21 DC  B "C3'" 1 
ATOM   417 O "O3'" . DC  B 1 9  ? -8.305  9.563   -1.217  1.00 36.97 ? 21 DC  B "O3'" 1 
ATOM   418 C "C2'" . DC  B 1 9  ? -8.568  7.581   -2.744  1.00 35.47 ? 21 DC  B "C2'" 1 
ATOM   419 C "C1'" . DC  B 1 9  ? -7.100  7.101   -2.736  1.00 35.28 ? 21 DC  B "C1'" 1 
ATOM   420 N N1    . DC  B 1 9  ? -6.706  5.949   -3.624  1.00 32.86 ? 21 DC  B N1    1 
ATOM   421 C C2    . DC  B 1 9  ? -5.420  5.876   -4.114  1.00 32.86 ? 21 DC  B C2    1 
ATOM   422 O O2    . DC  B 1 9  ? -4.570  6.735   -3.912  1.00 33.77 ? 21 DC  B O2    1 
ATOM   423 N N3    . DC  B 1 9  ? -5.061  4.814   -4.879  1.00 34.29 ? 21 DC  B N3    1 
ATOM   424 C C4    . DC  B 1 9  ? -5.921  3.831   -5.147  1.00 33.57 ? 21 DC  B C4    1 
ATOM   425 N N4    . DC  B 1 9  ? -5.532  2.809   -5.920  1.00 31.59 ? 21 DC  B N4    1 
ATOM   426 C C5    . DC  B 1 9  ? -7.251  3.878   -4.636  1.00 33.04 ? 21 DC  B C5    1 
ATOM   427 C C6    . DC  B 1 9  ? -7.590  4.955   -3.893  1.00 33.96 ? 21 DC  B C6    1 
ATOM   428 P P     . DG  B 1 10 ? -9.094  10.918  -1.664  1.00 35.45 ? 22 DG  B P     1 
ATOM   429 O OP1   . DG  B 1 10 ? -8.628  12.001  -0.763  1.00 35.44 ? 22 DG  B OP1   1 
ATOM   430 O OP2   . DG  B 1 10 ? -10.541 10.681  -1.845  1.00 35.37 ? 22 DG  B OP2   1 
ATOM   431 O "O5'" . DG  B 1 10 ? -8.504  11.137  -3.093  1.00 34.91 ? 22 DG  B "O5'" 1 
ATOM   432 C "C5'" . DG  B 1 10 ? -7.145  11.542  -3.215  1.00 33.31 ? 22 DG  B "C5'" 1 
ATOM   433 C "C4'" . DG  B 1 10 ? -6.667  11.621  -4.654  1.00 29.08 ? 22 DG  B "C4'" 1 
ATOM   434 O "O4'" . DG  B 1 10 ? -6.614  10.341  -5.305  1.00 25.35 ? 22 DG  B "O4'" 1 
ATOM   435 C "C3'" . DG  B 1 10 ? -7.650  12.448  -5.419  1.00 27.77 ? 22 DG  B "C3'" 1 
ATOM   436 O "O3'" . DG  B 1 10 ? -6.692  13.214  -6.133  1.00 31.49 ? 22 DG  B "O3'" 1 
ATOM   437 C "C2'" . DG  B 1 10 ? -8.460  11.371  -6.184  1.00 23.69 ? 22 DG  B "C2'" 1 
ATOM   438 C "C1'" . DG  B 1 10 ? -7.366  10.395  -6.479  1.00 19.41 ? 22 DG  B "C1'" 1 
ATOM   439 N N9    . DG  B 1 10 ? -7.631  9.026   -6.791  1.00 14.14 ? 22 DG  B N9    1 
ATOM   440 C C8    . DG  B 1 10 ? -8.709  8.257   -6.585  1.00 12.47 ? 22 DG  B C8    1 
ATOM   441 N N7    . DG  B 1 10 ? -8.540  7.029   -7.023  1.00 12.39 ? 22 DG  B N7    1 
ATOM   442 C C5    . DG  B 1 10 ? -7.265  7.002   -7.539  1.00 8.77  ? 22 DG  B C5    1 
ATOM   443 C C6    . DG  B 1 10 ? -6.553  5.976   -8.153  1.00 8.66  ? 22 DG  B C6    1 
ATOM   444 O O6    . DG  B 1 10 ? -6.866  4.810   -8.356  1.00 9.24  ? 22 DG  B O6    1 
ATOM   445 N N1    . DG  B 1 10 ? -5.330  6.355   -8.540  1.00 8.12  ? 22 DG  B N1    1 
ATOM   446 C C2    . DG  B 1 10 ? -4.801  7.605   -8.351  1.00 11.19 ? 22 DG  B C2    1 
ATOM   447 N N2    . DG  B 1 10 ? -3.547  7.812   -8.791  1.00 16.33 ? 22 DG  B N2    1 
ATOM   448 N N3    . DG  B 1 10 ? -5.459  8.586   -7.766  1.00 10.41 ? 22 DG  B N3    1 
ATOM   449 C C4    . DG  B 1 10 ? -6.695  8.211   -7.393  1.00 13.20 ? 22 DG  B C4    1 
ATOM   450 P P     . DC  B 1 11 ? -7.119  14.587  -6.811  1.00 34.20 ? 23 DC  B P     1 
ATOM   451 O OP1   . DC  B 1 11 ? -6.746  15.678  -5.887  1.00 38.36 ? 23 DC  B OP1   1 
ATOM   452 O OP2   . DC  B 1 11 ? -8.517  14.455  -7.327  1.00 33.12 ? 23 DC  B OP2   1 
ATOM   453 O "O5'" . DC  B 1 11 ? -6.163  14.682  -8.040  1.00 35.92 ? 23 DC  B "O5'" 1 
ATOM   454 C "C5'" . DC  B 1 11 ? -4.744  14.502  -7.998  1.00 34.09 ? 23 DC  B "C5'" 1 
ATOM   455 C "C4'" . DC  B 1 11 ? -4.259  13.736  -9.254  1.00 31.33 ? 23 DC  B "C4'" 1 
ATOM   456 O "O4'" . DC  B 1 11 ? -4.819  12.446  -9.175  1.00 28.84 ? 23 DC  B "O4'" 1 
ATOM   457 C "C3'" . DC  B 1 11 ? -4.785  14.268  -10.585 1.00 30.79 ? 23 DC  B "C3'" 1 
ATOM   458 O "O3'" . DC  B 1 11 ? -3.883  15.186  -11.224 1.00 34.42 ? 23 DC  B "O3'" 1 
ATOM   459 C "C2'" . DC  B 1 11 ? -4.840  12.997  -11.373 1.00 29.95 ? 23 DC  B "C2'" 1 
ATOM   460 C "C1'" . DC  B 1 11 ? -4.768  11.852  -10.436 1.00 25.05 ? 23 DC  B "C1'" 1 
ATOM   461 N N1    . DC  B 1 11 ? -5.906  10.960  -10.506 1.00 19.97 ? 23 DC  B N1    1 
ATOM   462 C C2    . DC  B 1 11 ? -5.676  9.737   -11.043 1.00 21.49 ? 23 DC  B C2    1 
ATOM   463 O O2    . DC  B 1 11 ? -4.552  9.432   -11.476 1.00 21.91 ? 23 DC  B O2    1 
ATOM   464 N N3    . DC  B 1 11 ? -6.736  8.882   -11.100 1.00 19.02 ? 23 DC  B N3    1 
ATOM   465 C C4    . DC  B 1 11 ? -7.952  9.221   -10.661 1.00 19.90 ? 23 DC  B C4    1 
ATOM   466 N N4    . DC  B 1 11 ? -8.945  8.362   -10.731 1.00 21.93 ? 23 DC  B N4    1 
ATOM   467 C C5    . DC  B 1 11 ? -8.200  10.484  -10.117 1.00 20.00 ? 23 DC  B C5    1 
ATOM   468 C C6    . DC  B 1 11 ? -7.137  11.315  -10.060 1.00 21.98 ? 23 DC  B C6    1 
ATOM   469 P P     . DG  B 1 12 ? -4.136  15.935  -12.655 1.00 34.41 ? 24 DG  B P     1 
ATOM   470 O OP1   . DG  B 1 12 ? -3.061  16.957  -12.766 1.00 34.77 ? 24 DG  B OP1   1 
ATOM   471 O OP2   . DG  B 1 12 ? -5.557  16.356  -12.764 1.00 34.93 ? 24 DG  B OP2   1 
ATOM   472 O "O5'" . DG  B 1 12 ? -3.899  14.839  -13.810 1.00 31.18 ? 24 DG  B "O5'" 1 
ATOM   473 C "C5'" . DG  B 1 12 ? -2.637  14.512  -14.394 1.00 24.64 ? 24 DG  B "C5'" 1 
ATOM   474 C "C4'" . DG  B 1 12 ? -2.841  13.355  -15.300 1.00 19.38 ? 24 DG  B "C4'" 1 
ATOM   475 O "O4'" . DG  B 1 12 ? -3.461  12.316  -14.547 1.00 17.79 ? 24 DG  B "O4'" 1 
ATOM   476 C "C3'" . DG  B 1 12 ? -3.889  13.718  -16.317 1.00 16.58 ? 24 DG  B "C3'" 1 
ATOM   477 O "O3'" . DG  B 1 12 ? -3.367  14.397  -17.446 1.00 18.33 ? 24 DG  B "O3'" 1 
ATOM   478 C "C2'" . DG  B 1 12 ? -4.288  12.354  -16.697 1.00 16.11 ? 24 DG  B "C2'" 1 
ATOM   479 C "C1'" . DG  B 1 12 ? -4.270  11.535  -15.432 1.00 13.99 ? 24 DG  B "C1'" 1 
ATOM   480 N N9    . DG  B 1 12 ? -5.588  11.356  -14.857 1.00 8.98  ? 24 DG  B N9    1 
ATOM   481 C C8    . DG  B 1 12 ? -6.332  12.280  -14.198 1.00 10.78 ? 24 DG  B C8    1 
ATOM   482 N N7    . DG  B 1 12 ? -7.494  11.845  -13.750 1.00 12.22 ? 24 DG  B N7    1 
ATOM   483 C C5    . DG  B 1 12 ? -7.505  10.537  -14.195 1.00 8.16  ? 24 DG  B C5    1 
ATOM   484 C C6    . DG  B 1 12 ? -8.526  9.604   -14.035 1.00 10.12 ? 24 DG  B C6    1 
ATOM   485 O O6    . DG  B 1 12 ? -9.575  9.809   -13.412 1.00 12.02 ? 24 DG  B O6    1 
ATOM   486 N N1    . DG  B 1 12 ? -8.188  8.392   -14.652 1.00 8.34  ? 24 DG  B N1    1 
ATOM   487 C C2    . DG  B 1 12 ? -6.984  8.164   -15.287 1.00 11.83 ? 24 DG  B C2    1 
ATOM   488 N N2    . DG  B 1 12 ? -6.759  6.962   -15.792 1.00 14.67 ? 24 DG  B N2    1 
ATOM   489 N N3    . DG  B 1 12 ? -6.024  9.069   -15.426 1.00 8.46  ? 24 DG  B N3    1 
ATOM   490 C C4    . DG  B 1 12 ? -6.360  10.235  -14.878 1.00 7.83  ? 24 DG  B C4    1 
HETATM 491 O O     . HOH C 2 .  ? -9.866  2.327   -10.355 1.00 33.04 ? 26 HOH A O     1 
HETATM 492 O O     . HOH C 2 .  ? -10.677 4.987   -9.640  1.00 23.94 ? 27 HOH A O     1 
HETATM 493 O O     . HOH C 2 .  ? 5.670   12.088  1.570   1.00 23.17 ? 28 HOH A O     1 
HETATM 494 O O     . HOH C 2 .  ? -3.212  -0.132  -7.340  1.00 29.13 ? 30 HOH A O     1 
HETATM 495 O O     . HOH C 2 .  ? -0.733  -1.056  -9.662  1.00 23.67 ? 31 HOH A O     1 
HETATM 496 O O     . HOH C 2 .  ? -2.213  12.008  4.271   1.00 28.98 ? 32 HOH A O     1 
HETATM 497 O O     . HOH C 2 .  ? 6.977   -4.857  -11.095 1.00 33.48 ? 33 HOH A O     1 
HETATM 498 O O     . HOH C 2 .  ? -12.634 2.435   -21.838 1.00 36.11 ? 34 HOH A O     1 
HETATM 499 O O     . HOH C 2 .  ? 2.548   -0.858  -16.190 1.00 20.62 ? 36 HOH A O     1 
HETATM 500 O O     . HOH C 2 .  ? 2.315   -3.785  14.299  1.00 39.47 ? 38 HOH A O     1 
HETATM 501 O O     . HOH C 2 .  ? -2.938  -3.628  5.365   1.00 25.34 ? 41 HOH A O     1 
HETATM 502 O O     . HOH C 2 .  ? -6.006  -5.812  5.680   1.00 23.01 ? 42 HOH A O     1 
HETATM 503 O O     . HOH C 2 .  ? -0.429  13.516  -7.179  1.00 39.57 ? 43 HOH A O     1 
HETATM 504 O O     . HOH C 2 .  ? 9.256   -1.355  -13.228 1.00 34.95 ? 44 HOH A O     1 
HETATM 505 O O     . HOH C 2 .  ? 0.651   2.790   13.444  1.00 34.47 ? 46 HOH A O     1 
HETATM 506 O O     . HOH C 2 .  ? 0.635   -9.196  6.228   1.00 51.22 ? 50 HOH A O     1 
HETATM 507 O O     . HOH C 2 .  ? -2.601  -9.267  6.118   1.00 44.30 ? 51 HOH A O     1 
HETATM 508 O O     . HOH C 2 .  ? 1.091   12.758  -4.230  1.00 52.67 ? 54 HOH A O     1 
HETATM 509 O O     . HOH C 2 .  ? -1.013  8.717   -6.907  1.00 29.69 ? 55 HOH A O     1 
HETATM 510 O O     . HOH C 2 .  ? -1.208  -1.614  15.471  1.00 57.58 ? 57 HOH A O     1 
HETATM 511 O O     . HOH C 2 .  ? -7.221  -0.668  -12.537 1.00 42.37 ? 60 HOH A O     1 
HETATM 512 O O     . HOH C 2 .  ? -4.422  13.497  4.914   1.00 30.44 ? 61 HOH A O     1 
HETATM 513 O O     . HOH C 2 .  ? -10.926 -0.803  -20.493 1.00 36.65 ? 62 HOH A O     1 
HETATM 514 O O     . HOH C 2 .  ? -10.543 -4.268  -20.540 1.00 44.07 ? 63 HOH A O     1 
HETATM 515 O O     . HOH C 2 .  ? 7.599   9.428   -3.108  1.00 33.00 ? 64 HOH A O     1 
HETATM 516 O O     . HOH C 2 .  ? -8.196  -2.974  11.640  1.00 46.29 ? 68 HOH A O     1 
HETATM 517 O O     . HOH C 2 .  ? -2.287  -6.625  13.975  1.00 30.29 ? 69 HOH A O     1 
HETATM 518 O O     . HOH C 2 .  ? 4.816   -15.371 3.083   1.00 56.87 ? 70 HOH A O     1 
HETATM 519 O O     . HOH C 2 .  ? 0.866   -1.195  -18.234 1.00 42.91 ? 73 HOH A O     1 
HETATM 520 O O     . HOH C 2 .  ? -1.536  -4.362  -17.687 1.00 41.06 ? 74 HOH A O     1 
HETATM 521 O O     . HOH C 2 .  ? -2.533  11.404  -6.456  1.00 25.81 ? 78 HOH A O     1 
HETATM 522 O O     . HOH C 2 .  ? 6.701   1.138   -13.667 1.00 36.68 ? 81 HOH A O     1 
HETATM 523 O O     . HOH C 2 .  ? 7.303   2.826   -11.279 1.00 37.37 ? 82 HOH A O     1 
HETATM 524 O O     . HOH C 2 .  ? 3.112   -0.333  -7.004  1.00 59.33 ? 83 HOH A O     1 
HETATM 525 O O     . HOH C 2 .  ? -5.351  -8.531  7.531   1.00 44.04 ? 84 HOH A O     1 
HETATM 526 O O     . HOH C 2 .  ? 5.486   -17.147 10.912  1.00 49.13 ? 86 HOH A O     1 
HETATM 527 O O     . HOH C 2 .  ? 6.938   11.988  -6.981  1.00 46.89 ? 87 HOH A O     1 
HETATM 528 O O     . HOH D 2 .  ? 18.115  -2.607  7.831   1.00 37.32 ? 25 HOH B O     1 
HETATM 529 O O     . HOH D 2 .  ? -9.094  0.938   -5.147  1.00 26.72 ? 29 HOH B O     1 
HETATM 530 O O     . HOH D 2 .  ? -10.147 6.737   3.714   1.00 43.84 ? 35 HOH B O     1 
HETATM 531 O O     . HOH D 2 .  ? -4.899  17.608  -3.584  1.00 39.38 ? 37 HOH B O     1 
HETATM 532 O O     . HOH D 2 .  ? -8.179  12.913  2.202   1.00 39.42 ? 39 HOH B O     1 
HETATM 533 O O     . HOH D 2 .  ? -4.800  13.477  0.052   1.00 28.31 ? 40 HOH B O     1 
HETATM 534 O O     . HOH D 2 .  ? 17.747  -0.199  6.308   1.00 24.22 ? 45 HOH B O     1 
HETATM 535 O O     . HOH D 2 .  ? 7.415   2.452   8.460   1.00 24.39 ? 47 HOH B O     1 
HETATM 536 O O     . HOH D 2 .  ? 7.023   0.492   5.610   1.00 41.26 ? 48 HOH B O     1 
HETATM 537 O O     . HOH D 2 .  ? -4.309  -6.581  -3.076  1.00 38.41 ? 49 HOH B O     1 
HETATM 538 O O     . HOH D 2 .  ? -8.402  -1.799  4.527   1.00 28.53 ? 52 HOH B O     1 
HETATM 539 O O     . HOH D 2 .  ? -3.891  6.020   0.094   1.00 40.32 ? 53 HOH B O     1 
HETATM 540 O O     . HOH D 2 .  ? 4.478   -5.562  17.463  1.00 46.31 ? 56 HOH B O     1 
HETATM 541 O O     . HOH D 2 .  ? 5.417   -0.831  11.447  1.00 37.16 ? 58 HOH B O     1 
HETATM 542 O O     . HOH D 2 .  ? 8.173   -1.132  3.474   1.00 35.87 ? 59 HOH B O     1 
HETATM 543 O O     . HOH D 2 .  ? -10.899 5.172   -4.647  1.00 40.64 ? 65 HOH B O     1 
HETATM 544 O O     . HOH D 2 .  ? -2.925  8.727   -0.989  1.00 45.67 ? 66 HOH B O     1 
HETATM 545 O O     . HOH D 2 .  ? -3.449  1.078   3.141   1.00 45.14 ? 67 HOH B O     1 
HETATM 546 O O     . HOH D 2 .  ? 1.926   -12.606 3.300   1.00 45.90 ? 71 HOH B O     1 
HETATM 547 O O     . HOH D 2 .  ? -0.889  -13.270 2.015   1.00 49.82 ? 72 HOH B O     1 
HETATM 548 O O     . HOH D 2 .  ? 16.722  -8.361  -0.911  1.00 44.46 ? 75 HOH B O     1 
HETATM 549 O O     . HOH D 2 .  ? -1.014  -11.344 -4.171  1.00 58.67 ? 76 HOH B O     1 
HETATM 550 O O     . HOH D 2 .  ? -8.882  7.350   6.084   1.00 40.76 ? 77 HOH B O     1 
HETATM 551 O O     . HOH D 2 .  ? -11.298 7.846   -8.532  1.00 43.44 ? 79 HOH B O     1 
HETATM 552 O O     . HOH D 2 .  ? -8.236  1.954   -7.455  1.00 42.51 ? 80 HOH B O     1 
HETATM 553 O O     . HOH D 2 .  ? 2.475   -13.508 -0.311  1.00 35.23 ? 85 HOH B O     1 
HETATM 554 O O     . HOH D 2 .  ? 7.149   -12.775 -2.038  1.00 54.44 ? 88 HOH B O     1 
HETATM 555 O O     . HOH D 2 .  ? 2.968   -9.595  4.955   1.00 60.86 ? 89 HOH B O     1 
# 
